data_9BQX
#
_entry.id   9BQX
#
_entity_poly.entity_id   1
_entity_poly.type   'polypeptide(L)'
_entity_poly.pdbx_seq_one_letter_code
;MADLFNKHLKKATNRTKEKLLEGIGKAKATQDEVFDQHAANLNKQSKSCEKLHKDVKNYSSALRTLLSAEKQLRDTIRDA
YEPEWPDREHLTAIFDNLDIQTNELEKTVCDDLPQTVTQYVNQFPDLKKKIEKRGRKLVDYDSAKNSFNSVKASSKKDND
PKLAKATMELQAAEQMYTEMNNELLEILPAVFDSRITFFVDTLQTLFNANSVYQTDASKFHKQIVMQLDKLGESMDYL
;
_entity_poly.pdbx_strand_id   A,B,C,D
#
# COMPACT_ATOMS: atom_id res chain seq x y z
N MET A 1 101.37 -14.07 -45.66
CA MET A 1 100.98 -13.45 -46.95
C MET A 1 100.15 -12.17 -46.79
N ALA A 2 99.02 -12.18 -46.08
CA ALA A 2 98.25 -10.98 -45.77
C ALA A 2 99.05 -10.00 -44.90
N ASP A 3 99.96 -10.54 -44.09
CA ASP A 3 100.91 -9.81 -43.24
C ASP A 3 101.76 -8.83 -44.05
N LEU A 4 102.07 -9.13 -45.32
CA LEU A 4 102.75 -8.18 -46.20
C LEU A 4 101.92 -6.89 -46.33
N PHE A 5 100.61 -7.01 -46.51
CA PHE A 5 99.76 -5.82 -46.49
C PHE A 5 99.80 -5.11 -45.12
N ASN A 6 99.96 -5.85 -44.02
CA ASN A 6 100.20 -5.24 -42.71
C ASN A 6 101.40 -4.28 -42.73
N LYS A 7 102.44 -4.48 -43.54
CA LYS A 7 103.54 -3.50 -43.66
C LYS A 7 103.00 -2.11 -44.00
N HIS A 8 102.00 -2.03 -44.89
CA HIS A 8 101.38 -0.74 -45.19
C HIS A 8 100.69 -0.15 -43.97
N LEU A 9 99.99 -0.97 -43.19
CA LEU A 9 99.36 -0.47 -41.97
C LEU A 9 100.40 0.01 -40.95
N LYS A 10 101.57 -0.65 -40.87
CA LYS A 10 102.63 -0.25 -39.94
C LYS A 10 103.08 1.18 -40.17
N LYS A 11 103.35 1.61 -41.41
CA LYS A 11 103.81 2.99 -41.64
C LYS A 11 102.82 4.04 -41.15
N ALA A 12 101.54 3.89 -41.49
CA ALA A 12 100.54 4.83 -41.06
C ALA A 12 100.34 4.83 -39.53
N THR A 13 100.18 3.65 -38.94
CA THR A 13 99.91 3.51 -37.51
C THR A 13 101.05 3.99 -36.63
N ASN A 14 102.30 3.88 -37.07
CA ASN A 14 103.39 4.45 -36.29
C ASN A 14 103.29 5.97 -36.22
N ARG A 15 102.91 6.66 -37.29
CA ARG A 15 102.69 8.10 -37.22
C ARG A 15 101.51 8.49 -36.31
N THR A 16 100.45 7.68 -36.25
CA THR A 16 99.38 7.98 -35.28
C THR A 16 99.85 7.80 -33.84
N LYS A 17 100.77 6.86 -33.54
CA LYS A 17 101.31 6.64 -32.19
C LYS A 17 101.95 7.89 -31.62
N GLU A 18 102.73 8.58 -32.44
CA GLU A 18 103.33 9.87 -32.12
C GLU A 18 102.28 10.90 -31.74
N LYS A 19 101.21 10.99 -32.54
CA LYS A 19 100.19 12.03 -32.42
C LYS A 19 99.25 11.84 -31.22
N LEU A 20 99.00 10.59 -30.84
CA LEU A 20 98.34 10.23 -29.58
C LEU A 20 99.18 10.69 -28.36
N LEU A 21 100.48 10.37 -28.39
CA LEU A 21 101.43 10.73 -27.34
C LEU A 21 101.55 12.24 -27.16
N GLU A 22 101.49 13.01 -28.25
CA GLU A 22 101.35 14.46 -28.23
C GLU A 22 100.13 14.94 -27.41
N GLY A 23 99.09 14.12 -27.28
CA GLY A 23 98.05 14.37 -26.29
C GLY A 23 98.55 14.56 -24.83
N ILE A 24 99.65 13.95 -24.37
CA ILE A 24 99.91 13.77 -22.89
C ILE A 24 100.34 14.92 -21.89
N GLY A 25 101.37 15.77 -22.07
CA GLY A 25 101.81 16.83 -21.06
C GLY A 25 103.25 16.77 -20.45
N LYS A 26 103.61 17.65 -19.46
CA LYS A 26 104.97 17.77 -18.81
C LYS A 26 104.95 18.19 -17.33
N ALA A 27 105.95 17.75 -16.54
CA ALA A 27 105.89 17.65 -15.07
C ALA A 27 107.20 17.31 -14.30
N LYS A 28 107.23 17.56 -12.97
CA LYS A 28 108.21 17.07 -11.96
C LYS A 28 107.56 16.47 -10.71
N ALA A 29 107.63 15.15 -10.53
CA ALA A 29 107.14 14.42 -9.35
C ALA A 29 105.70 14.75 -8.89
N THR A 30 104.83 15.10 -9.83
CA THR A 30 103.60 15.85 -9.59
C THR A 30 102.49 15.05 -8.95
N GLN A 31 101.93 15.56 -7.87
CA GLN A 31 100.78 14.94 -7.23
C GLN A 31 99.53 14.97 -8.10
N ASP A 32 99.49 15.77 -9.15
CA ASP A 32 98.50 15.69 -10.21
C ASP A 32 98.41 14.30 -10.83
N GLU A 33 99.43 13.46 -10.71
CA GLU A 33 99.28 12.06 -11.11
C GLU A 33 98.22 11.35 -10.25
N VAL A 34 98.05 11.73 -9.00
CA VAL A 34 96.90 11.32 -8.20
C VAL A 34 95.63 11.99 -8.71
N PHE A 35 95.69 13.17 -9.30
CA PHE A 35 94.51 13.74 -9.95
C PHE A 35 94.17 13.01 -11.24
N ASP A 36 95.13 12.30 -11.83
CA ASP A 36 94.86 11.28 -12.84
C ASP A 36 94.24 10.02 -12.24
N GLN A 37 94.22 9.87 -10.91
CA GLN A 37 93.24 9.01 -10.26
C GLN A 37 91.88 9.70 -10.24
N HIS A 38 91.78 10.92 -9.69
CA HIS A 38 90.49 11.57 -9.39
C HIS A 38 89.47 11.54 -10.52
N ALA A 39 89.76 12.04 -11.71
CA ALA A 39 88.72 12.30 -12.70
C ALA A 39 87.93 11.05 -13.10
N ALA A 40 88.59 9.99 -13.54
CA ALA A 40 87.94 8.73 -13.85
C ALA A 40 87.34 8.04 -12.61
N ASN A 41 87.85 8.34 -11.41
CA ASN A 41 87.39 7.78 -10.15
C ASN A 41 86.16 8.49 -9.56
N LEU A 42 86.12 9.82 -9.47
CA LEU A 42 84.91 10.59 -9.16
C LEU A 42 83.84 10.45 -10.23
N ASN A 43 84.19 10.00 -11.43
CA ASN A 43 83.19 9.60 -12.39
C ASN A 43 82.59 8.22 -12.12
N LYS A 44 83.22 7.30 -11.38
CA LYS A 44 82.51 6.08 -10.91
C LYS A 44 81.32 6.48 -10.06
N GLN A 45 81.61 7.41 -9.16
CA GLN A 45 80.67 8.08 -8.28
C GLN A 45 79.55 8.74 -9.07
N SER A 46 79.84 9.47 -10.15
CA SER A 46 78.76 9.97 -11.03
C SER A 46 77.99 8.87 -11.77
N LYS A 47 78.64 7.94 -12.45
CA LYS A 47 77.97 7.00 -13.35
C LYS A 47 77.14 5.98 -12.57
N SER A 48 77.65 5.48 -11.46
CA SER A 48 76.89 4.63 -10.58
C SER A 48 75.72 5.39 -9.94
N CYS A 49 75.89 6.68 -9.62
CA CYS A 49 74.74 7.49 -9.21
C CYS A 49 73.68 7.51 -10.28
N GLU A 50 74.00 7.73 -11.55
CA GLU A 50 72.95 7.79 -12.58
C GLU A 50 72.16 6.48 -12.66
N LYS A 51 72.83 5.33 -12.56
CA LYS A 51 72.13 4.05 -12.49
C LYS A 51 71.25 3.96 -11.26
N LEU A 52 71.81 4.26 -10.09
CA LEU A 52 71.12 4.20 -8.81
C LEU A 52 69.88 5.10 -8.83
N HIS A 53 70.01 6.33 -9.29
CA HIS A 53 68.92 7.27 -9.40
C HIS A 53 67.84 6.78 -10.33
N LYS A 54 68.18 6.31 -11.52
CA LYS A 54 67.28 5.77 -12.47
C LYS A 54 66.44 4.69 -11.85
N ASP A 55 67.09 3.70 -11.27
CA ASP A 55 66.40 2.59 -10.64
C ASP A 55 65.56 3.06 -9.47
N VAL A 56 66.10 3.94 -8.63
CA VAL A 56 65.41 4.41 -7.43
C VAL A 56 64.16 5.17 -7.81
N LYS A 57 64.18 5.95 -8.90
CA LYS A 57 63.00 6.70 -9.35
C LYS A 57 61.94 5.77 -9.92
N ASN A 58 62.30 4.83 -10.78
CA ASN A 58 61.44 3.88 -11.38
C ASN A 58 60.75 3.05 -10.33
N TYR A 59 61.54 2.50 -9.42
CA TYR A 59 61.06 1.72 -8.31
C TYR A 59 60.32 2.58 -7.27
N SER A 60 60.64 3.84 -7.05
CA SER A 60 59.81 4.71 -6.20
C SER A 60 58.39 4.84 -6.74
N SER A 61 58.23 4.99 -8.05
CA SER A 61 56.90 4.92 -8.67
C SER A 61 56.26 3.56 -8.44
N ALA A 62 57.05 2.47 -8.59
CA ALA A 62 56.60 1.11 -8.31
C ALA A 62 56.14 0.93 -6.86
N LEU A 63 56.81 1.55 -5.90
CA LEU A 63 56.43 1.47 -4.51
C LEU A 63 55.18 2.29 -4.26
N ARG A 64 55.06 3.47 -4.86
CA ARG A 64 53.87 4.29 -4.73
C ARG A 64 52.64 3.54 -5.21
N THR A 65 52.72 2.84 -6.33
CA THR A 65 51.68 2.07 -6.89
C THR A 65 51.33 0.87 -6.04
N LEU A 66 52.35 0.22 -5.47
CA LEU A 66 52.20 -0.91 -4.57
C LEU A 66 51.42 -0.46 -3.33
N LEU A 67 51.81 0.65 -2.71
CA LEU A 67 51.16 1.15 -1.50
C LEU A 67 49.73 1.57 -1.76
N SER A 68 49.44 2.15 -2.92
CA SER A 68 48.13 2.45 -3.37
C SER A 68 47.30 1.19 -3.50
N ALA A 69 47.85 0.13 -4.10
CA ALA A 69 47.15 -1.13 -4.26
C ALA A 69 46.84 -1.77 -2.90
N GLU A 70 47.72 -1.60 -1.92
CA GLU A 70 47.48 -2.02 -0.53
C GLU A 70 46.45 -1.15 0.19
N LYS A 71 46.36 0.15 -0.10
CA LYS A 71 45.24 0.96 0.37
C LYS A 71 43.93 0.41 -0.17
N GLN A 72 43.91 0.10 -1.46
CA GLN A 72 42.73 -0.42 -2.13
C GLN A 72 42.33 -1.78 -1.56
N LEU A 73 43.29 -2.64 -1.22
CA LEU A 73 43.04 -3.92 -0.59
C LEU A 73 42.26 -3.74 0.71
N ARG A 74 42.74 -2.84 1.55
CA ARG A 74 42.11 -2.58 2.83
C ARG A 74 40.73 -2.01 2.65
N ASP A 75 40.59 -0.99 1.82
CA ASP A 75 39.30 -0.38 1.63
C ASP A 75 38.28 -1.36 1.06
N THR A 76 38.74 -2.25 0.18
CA THR A 76 37.92 -3.29 -0.40
C THR A 76 37.49 -4.29 0.65
N ILE A 77 38.37 -4.79 1.53
CA ILE A 77 37.92 -5.72 2.57
C ILE A 77 36.96 -5.02 3.53
N ARG A 78 37.28 -3.80 3.97
CA ARG A 78 36.47 -2.98 4.86
C ARG A 78 35.05 -2.76 4.31
N ASP A 79 34.94 -2.41 3.02
CA ASP A 79 33.68 -2.24 2.33
C ASP A 79 32.96 -3.55 2.03
N ALA A 80 33.68 -4.60 1.66
CA ALA A 80 33.14 -5.91 1.32
C ALA A 80 32.49 -6.60 2.51
N TYR A 81 33.00 -6.32 3.70
CA TYR A 81 32.56 -6.87 4.96
C TYR A 81 31.06 -6.66 5.23
N GLU A 82 30.47 -7.49 6.08
CA GLU A 82 29.05 -7.40 6.45
C GLU A 82 28.89 -7.23 7.98
N PRO A 83 27.89 -6.47 8.46
CA PRO A 83 27.77 -6.12 9.86
C PRO A 83 27.48 -7.31 10.79
N GLU A 84 27.17 -8.47 10.22
CA GLU A 84 26.86 -9.68 10.97
C GLU A 84 28.12 -10.41 11.48
N TRP A 85 29.33 -9.88 11.26
CA TRP A 85 30.59 -10.48 11.72
C TRP A 85 31.42 -9.52 12.66
N PRO A 86 31.74 -9.97 13.88
CA PRO A 86 31.96 -9.04 15.02
C PRO A 86 33.26 -8.23 14.97
N ASP A 87 34.31 -8.90 14.59
CA ASP A 87 35.58 -8.26 14.38
C ASP A 87 35.58 -7.20 13.30
N ARG A 88 34.52 -6.97 12.52
CA ARG A 88 34.51 -5.91 11.52
C ARG A 88 35.12 -4.65 12.09
N GLU A 89 34.75 -4.29 13.31
CA GLU A 89 35.40 -3.11 13.89
C GLU A 89 36.87 -3.31 14.20
N HIS A 90 37.25 -4.45 14.78
CA HIS A 90 38.68 -4.62 15.10
C HIS A 90 39.56 -4.66 13.84
N LEU A 91 39.24 -5.48 12.86
CA LEU A 91 39.99 -5.56 11.62
C LEU A 91 39.92 -4.27 10.81
N THR A 92 38.82 -3.52 10.86
CA THR A 92 38.81 -2.17 10.31
C THR A 92 39.88 -1.30 10.95
N ALA A 93 40.04 -1.32 12.27
CA ALA A 93 41.10 -0.56 12.91
C ALA A 93 42.49 -1.07 12.50
N ILE A 94 42.68 -2.39 12.38
CA ILE A 94 43.93 -2.99 11.90
C ILE A 94 44.26 -2.44 10.52
N PHE A 95 43.30 -2.45 9.61
CA PHE A 95 43.49 -1.87 8.29
C PHE A 95 43.76 -0.37 8.34
N ASP A 96 43.09 0.39 9.19
CA ASP A 96 43.37 1.81 9.33
C ASP A 96 44.81 2.07 9.79
N ASN A 97 45.32 1.29 10.73
CA ASN A 97 46.71 1.40 11.12
C ASN A 97 47.62 1.05 9.95
N LEU A 98 47.32 0.01 9.20
CA LEU A 98 48.16 -0.35 8.07
C LEU A 98 48.10 0.68 6.92
N ASP A 99 46.96 1.34 6.72
CA ASP A 99 46.89 2.54 5.89
C ASP A 99 47.87 3.60 6.36
N ILE A 100 47.90 3.92 7.65
CA ILE A 100 48.87 4.88 8.18
C ILE A 100 50.29 4.41 7.86
N GLN A 101 50.61 3.14 8.08
CA GLN A 101 51.96 2.67 7.80
C GLN A 101 52.29 2.74 6.31
N THR A 102 51.36 2.44 5.41
CA THR A 102 51.64 2.65 3.99
C THR A 102 51.87 4.10 3.68
N ASN A 103 51.10 5.02 4.26
CA ASN A 103 51.31 6.45 4.00
C ASN A 103 52.69 6.90 4.48
N GLU A 104 53.14 6.43 5.64
CA GLU A 104 54.47 6.73 6.15
C GLU A 104 55.57 6.22 5.22
N LEU A 105 55.46 4.98 4.77
CA LEU A 105 56.40 4.43 3.80
C LEU A 105 56.39 5.23 2.49
N GLU A 106 55.21 5.53 1.97
CA GLU A 106 55.06 6.25 0.72
C GLU A 106 55.74 7.60 0.80
N LYS A 107 55.48 8.37 1.85
CA LYS A 107 56.16 9.64 2.08
C LYS A 107 57.67 9.45 2.13
N THR A 108 58.10 8.49 2.94
CA THR A 108 59.51 8.39 3.26
C THR A 108 60.33 7.96 2.07
N VAL A 109 59.94 6.89 1.40
CA VAL A 109 60.64 6.51 0.18
C VAL A 109 60.29 7.36 -1.01
N CYS A 110 59.02 7.43 -1.37
CA CYS A 110 58.69 7.88 -2.69
C CYS A 110 58.92 9.38 -2.81
N ASP A 111 58.46 10.11 -1.82
CA ASP A 111 58.72 11.53 -1.80
C ASP A 111 60.13 11.90 -1.30
N ASP A 112 60.52 11.42 -0.11
CA ASP A 112 61.70 11.94 0.56
C ASP A 112 63.09 11.45 0.08
N LEU A 113 63.20 10.21 -0.39
CA LEU A 113 64.48 9.53 -0.55
C LEU A 113 65.54 10.28 -1.39
N PRO A 114 65.19 10.95 -2.50
CA PRO A 114 66.19 11.60 -3.33
C PRO A 114 67.03 12.62 -2.57
N GLN A 115 66.43 13.39 -1.66
CA GLN A 115 67.19 14.35 -0.87
C GLN A 115 68.30 13.67 -0.09
N THR A 116 68.09 12.43 0.36
CA THR A 116 69.15 11.72 1.07
C THR A 116 70.38 11.57 0.17
N VAL A 117 70.18 11.20 -1.09
CA VAL A 117 71.34 11.19 -2.01
C VAL A 117 71.97 12.57 -2.07
N THR A 118 71.13 13.57 -2.30
CA THR A 118 71.57 14.94 -2.49
C THR A 118 72.43 15.42 -1.34
N GLN A 119 72.18 14.98 -0.11
CA GLN A 119 72.80 15.64 1.03
C GLN A 119 74.33 15.60 0.94
N TYR A 120 74.89 14.41 0.78
CA TYR A 120 76.33 14.34 0.52
C TYR A 120 76.78 14.71 -0.92
N VAL A 121 75.92 14.45 -1.90
CA VAL A 121 76.15 14.87 -3.29
C VAL A 121 76.39 16.35 -3.48
N ASN A 122 75.81 17.23 -2.64
CA ASN A 122 75.89 18.69 -2.84
C ASN A 122 77.32 19.19 -2.99
N GLN A 123 78.23 18.62 -2.20
CA GLN A 123 79.62 19.01 -2.36
C GLN A 123 80.27 18.52 -3.65
N PHE A 124 79.87 17.36 -4.17
CA PHE A 124 80.57 16.80 -5.31
C PHE A 124 80.62 17.67 -6.56
N PRO A 125 79.56 18.36 -7.02
CA PRO A 125 79.65 19.12 -8.24
C PRO A 125 80.78 20.12 -8.24
N ASP A 126 80.90 20.93 -7.19
CA ASP A 126 82.02 21.88 -7.17
C ASP A 126 83.36 21.15 -7.18
N LEU A 127 83.46 20.07 -6.44
CA LEU A 127 84.72 19.37 -6.25
C LEU A 127 85.21 18.67 -7.51
N LYS A 128 84.32 18.15 -8.34
CA LYS A 128 84.67 17.63 -9.67
C LYS A 128 85.31 18.72 -10.51
N LYS A 129 84.70 19.91 -10.54
CA LYS A 129 85.27 21.05 -11.26
C LYS A 129 86.64 21.38 -10.70
N LYS A 130 86.80 21.36 -9.38
CA LYS A 130 88.08 21.56 -8.71
C LYS A 130 89.17 20.60 -9.19
N ILE A 131 88.87 19.38 -9.62
CA ILE A 131 89.89 18.47 -10.16
C ILE A 131 90.67 19.19 -11.27
N GLU A 132 89.96 19.83 -12.18
CA GLU A 132 90.59 20.66 -13.22
C GLU A 132 91.17 21.97 -12.71
N LYS A 133 90.65 22.54 -11.61
CA LYS A 133 91.25 23.74 -11.00
C LYS A 133 92.74 23.47 -10.74
N ARG A 134 93.03 22.35 -10.10
CA ARG A 134 94.39 21.87 -9.82
C ARG A 134 95.14 21.45 -11.07
N GLY A 135 94.52 20.65 -11.93
CA GLY A 135 95.20 20.02 -13.06
C GLY A 135 95.83 21.02 -14.03
N ARG A 136 95.07 22.05 -14.42
CA ARG A 136 95.59 23.11 -15.29
C ARG A 136 96.81 23.77 -14.68
N LYS A 137 96.83 23.93 -13.36
CA LYS A 137 97.92 24.62 -12.69
C LYS A 137 99.21 23.84 -12.71
N LEU A 138 99.22 22.52 -12.87
CA LEU A 138 100.43 21.83 -13.27
C LEU A 138 100.91 22.25 -14.64
N VAL A 139 100.01 22.27 -15.62
CA VAL A 139 100.40 22.61 -17.00
C VAL A 139 101.03 23.98 -17.03
N ASP A 140 100.42 24.97 -16.39
CA ASP A 140 101.03 26.27 -16.21
C ASP A 140 102.32 26.24 -15.42
N TYR A 141 102.41 25.49 -14.33
CA TYR A 141 103.55 25.52 -13.45
C TYR A 141 104.79 24.98 -14.16
N ASP A 142 104.73 23.78 -14.71
CA ASP A 142 105.89 23.25 -15.42
C ASP A 142 106.09 23.92 -16.78
N SER A 143 105.04 24.37 -17.47
CA SER A 143 105.23 25.18 -18.68
C SER A 143 106.01 26.45 -18.35
N ALA A 144 105.67 27.14 -17.29
CA ALA A 144 106.38 28.33 -16.87
C ALA A 144 107.79 28.01 -16.39
N LYS A 145 107.97 26.92 -15.65
CA LYS A 145 109.29 26.48 -15.18
C LYS A 145 110.24 26.23 -16.34
N ASN A 146 109.81 25.40 -17.28
CA ASN A 146 110.61 25.09 -18.45
C ASN A 146 110.75 26.31 -19.37
N SER A 147 109.78 27.22 -19.40
CA SER A 147 109.88 28.48 -20.13
C SER A 147 110.96 29.36 -19.56
N PHE A 148 111.07 29.49 -18.24
CA PHE A 148 112.12 30.29 -17.63
C PHE A 148 113.49 29.72 -18.03
N ASN A 149 113.67 28.41 -17.88
CA ASN A 149 114.90 27.76 -18.32
C ASN A 149 115.16 28.00 -19.80
N SER A 150 114.14 27.86 -20.64
CA SER A 150 114.23 28.07 -22.09
C SER A 150 114.68 29.47 -22.42
N VAL A 151 114.16 30.50 -21.76
CA VAL A 151 114.67 31.84 -21.97
C VAL A 151 116.12 31.92 -21.55
N LYS A 152 116.47 31.45 -20.35
CA LYS A 152 117.84 31.57 -19.84
C LYS A 152 118.85 30.86 -20.72
N ALA A 153 118.45 29.78 -21.36
CA ALA A 153 119.24 29.08 -22.35
C ALA A 153 119.30 29.79 -23.70
N SER A 154 118.18 30.27 -24.22
CA SER A 154 118.10 30.90 -25.53
C SER A 154 118.70 32.29 -25.61
N SER A 155 118.41 33.13 -24.62
CA SER A 155 118.72 34.54 -24.63
C SER A 155 120.20 34.81 -24.46
N LYS A 156 120.80 35.61 -25.35
CA LYS A 156 122.24 35.83 -25.37
C LYS A 156 122.78 36.49 -24.12
N LYS A 157 122.03 37.41 -23.53
CA LYS A 157 122.55 38.33 -22.51
C LYS A 157 121.92 38.21 -21.13
N ASP A 158 120.90 37.40 -20.92
CA ASP A 158 119.94 37.71 -19.85
C ASP A 158 119.41 39.13 -20.10
N ASN A 159 119.00 39.92 -19.11
CA ASN A 159 118.35 41.22 -19.38
C ASN A 159 117.15 41.07 -20.33
N ASP A 160 116.46 39.93 -20.27
CA ASP A 160 115.44 39.57 -21.23
C ASP A 160 114.03 39.66 -20.60
N PRO A 161 113.13 40.50 -21.13
CA PRO A 161 111.77 40.57 -20.64
C PRO A 161 111.06 39.22 -20.63
N LYS A 162 111.38 38.34 -21.57
CA LYS A 162 110.87 36.97 -21.57
C LYS A 162 111.22 36.24 -20.29
N LEU A 163 112.41 36.43 -19.73
CA LEU A 163 112.81 35.72 -18.53
C LEU A 163 112.00 36.23 -17.36
N ALA A 164 111.85 37.55 -17.23
CA ALA A 164 111.01 38.12 -16.19
C ALA A 164 109.57 37.61 -16.30
N LYS A 165 108.97 37.65 -17.48
CA LYS A 165 107.63 37.11 -17.73
C LYS A 165 107.53 35.63 -17.35
N ALA A 166 108.50 34.82 -17.74
CA ALA A 166 108.51 33.41 -17.39
C ALA A 166 108.67 33.17 -15.88
N THR A 167 109.41 34.03 -15.20
CA THR A 167 109.53 34.00 -13.74
C THR A 167 108.20 34.33 -13.08
N MET A 168 107.50 35.33 -13.60
CA MET A 168 106.18 35.73 -13.11
C MET A 168 105.18 34.61 -13.30
N GLU A 169 105.16 33.98 -14.48
CA GLU A 169 104.33 32.81 -14.72
C GLU A 169 104.68 31.66 -13.77
N LEU A 170 105.98 31.43 -13.53
CA LEU A 170 106.41 30.34 -12.68
C LEU A 170 105.91 30.56 -11.26
N GLN A 171 106.10 31.75 -10.72
CA GLN A 171 105.65 32.06 -9.38
C GLN A 171 104.14 31.95 -9.26
N ALA A 172 103.40 32.57 -10.16
CA ALA A 172 101.94 32.57 -10.12
C ALA A 172 101.40 31.15 -10.23
N ALA A 173 101.86 30.39 -11.21
CA ALA A 173 101.40 29.04 -11.40
C ALA A 173 101.78 28.15 -10.22
N GLU A 174 102.96 28.29 -9.64
CA GLU A 174 103.38 27.51 -8.48
C GLU A 174 102.50 27.80 -7.26
N GLN A 175 102.14 29.06 -7.03
CA GLN A 175 101.24 29.41 -5.94
C GLN A 175 99.88 28.74 -6.10
N MET A 176 99.29 28.84 -7.28
CA MET A 176 98.02 28.19 -7.54
C MET A 176 98.14 26.67 -7.44
N TYR A 177 99.17 26.11 -8.06
CA TYR A 177 99.48 24.68 -8.03
C TYR A 177 99.57 24.17 -6.60
N THR A 178 100.31 24.83 -5.73
CA THR A 178 100.49 24.44 -4.35
C THR A 178 99.23 24.64 -3.51
N GLU A 179 98.51 25.75 -3.67
CA GLU A 179 97.25 25.98 -2.97
C GLU A 179 96.22 24.89 -3.29
N MET A 180 96.05 24.63 -4.58
CA MET A 180 95.15 23.62 -5.06
C MET A 180 95.61 22.24 -4.65
N ASN A 181 96.91 21.98 -4.60
CA ASN A 181 97.39 20.71 -4.10
C ASN A 181 96.93 20.47 -2.68
N ASN A 182 97.19 21.42 -1.79
CA ASN A 182 96.87 21.27 -0.38
C ASN A 182 95.37 21.06 -0.18
N GLU A 183 94.55 21.88 -0.83
CA GLU A 183 93.11 21.74 -0.70
C GLU A 183 92.60 20.44 -1.30
N LEU A 184 92.98 20.19 -2.53
CA LEU A 184 92.39 19.17 -3.36
C LEU A 184 92.89 17.77 -3.16
N LEU A 185 94.15 17.60 -2.77
CA LEU A 185 94.67 16.29 -2.40
C LEU A 185 93.99 15.80 -1.12
N GLU A 186 93.63 16.71 -0.21
CA GLU A 186 92.78 16.31 0.91
C GLU A 186 91.35 16.02 0.45
N ILE A 187 90.72 17.00 -0.19
CA ILE A 187 89.29 16.95 -0.40
C ILE A 187 88.90 15.90 -1.44
N LEU A 188 89.53 15.88 -2.59
CA LEU A 188 89.02 15.12 -3.72
C LEU A 188 89.15 13.62 -3.49
N PRO A 189 90.31 13.09 -3.05
CA PRO A 189 90.37 11.74 -2.53
C PRO A 189 89.36 11.46 -1.41
N ALA A 190 89.19 12.38 -0.46
CA ALA A 190 88.21 12.16 0.58
C ALA A 190 86.81 12.03 -0.02
N VAL A 191 86.42 12.84 -0.99
CA VAL A 191 85.14 12.71 -1.69
C VAL A 191 84.97 11.39 -2.39
N PHE A 192 86.02 10.82 -2.95
CA PHE A 192 85.91 9.53 -3.60
C PHE A 192 85.49 8.46 -2.58
N ASP A 193 86.19 8.38 -1.47
CA ASP A 193 85.93 7.39 -0.44
C ASP A 193 84.59 7.67 0.30
N SER A 194 84.40 8.93 0.66
CA SER A 194 83.14 9.45 1.16
C SER A 194 81.96 9.29 0.19
N ARG A 195 82.13 8.97 -1.10
CA ARG A 195 80.99 8.68 -1.99
C ARG A 195 80.09 7.64 -1.34
N ILE A 196 80.70 6.67 -0.67
CA ILE A 196 79.93 5.67 0.05
C ILE A 196 78.99 6.33 1.07
N THR A 197 79.33 7.49 1.61
CA THR A 197 78.40 8.20 2.52
C THR A 197 77.02 8.43 1.91
N PHE A 198 76.88 8.99 0.71
CA PHE A 198 75.50 9.16 0.22
C PHE A 198 74.90 7.81 -0.19
N PHE A 199 75.70 6.87 -0.72
CA PHE A 199 75.16 5.57 -1.09
C PHE A 199 74.51 4.92 0.11
N VAL A 200 75.26 4.86 1.22
CA VAL A 200 74.73 4.34 2.45
C VAL A 200 73.55 5.10 3.06
N ASP A 201 73.53 6.42 3.08
CA ASP A 201 72.40 7.18 3.56
C ASP A 201 71.13 6.90 2.74
N THR A 202 71.28 6.82 1.42
CA THR A 202 70.17 6.58 0.51
C THR A 202 69.63 5.18 0.67
N LEU A 203 70.48 4.17 0.60
CA LEU A 203 70.05 2.78 0.76
C LEU A 203 69.42 2.57 2.12
N GLN A 204 70.00 3.14 3.18
CA GLN A 204 69.42 3.09 4.51
C GLN A 204 68.06 3.75 4.56
N THR A 205 67.87 4.92 3.96
CA THR A 205 66.54 5.55 3.95
C THR A 205 65.51 4.64 3.32
N LEU A 206 65.84 4.07 2.16
CA LEU A 206 64.92 3.26 1.40
C LEU A 206 64.52 2.00 2.15
N PHE A 207 65.50 1.22 2.58
CA PHE A 207 65.24 -0.04 3.23
C PHE A 207 64.69 0.12 4.64
N ASN A 208 65.08 1.14 5.39
CA ASN A 208 64.52 1.42 6.70
C ASN A 208 63.03 1.67 6.64
N ALA A 209 62.59 2.52 5.71
CA ALA A 209 61.18 2.78 5.52
C ALA A 209 60.41 1.50 5.17
N ASN A 210 60.95 0.73 4.23
CA ASN A 210 60.30 -0.50 3.81
C ASN A 210 60.20 -1.50 4.96
N SER A 211 61.24 -1.62 5.77
CA SER A 211 61.22 -2.56 6.87
C SER A 211 60.26 -2.15 7.96
N VAL A 212 60.19 -0.87 8.33
CA VAL A 212 59.26 -0.46 9.39
C VAL A 212 57.82 -0.72 8.95
N TYR A 213 57.49 -0.44 7.69
CA TYR A 213 56.18 -0.82 7.18
C TYR A 213 55.94 -2.31 7.29
N GLN A 214 56.84 -3.14 6.77
CA GLN A 214 56.56 -4.57 6.70
C GLN A 214 56.55 -5.21 8.08
N THR A 215 57.35 -4.74 9.03
CA THR A 215 57.29 -5.16 10.43
C THR A 215 55.93 -4.87 11.05
N ASP A 216 55.38 -3.70 10.79
CA ASP A 216 54.04 -3.40 11.26
C ASP A 216 52.99 -4.22 10.51
N ALA A 217 53.14 -4.37 9.20
CA ALA A 217 52.24 -5.15 8.39
C ALA A 217 52.15 -6.60 8.87
N SER A 218 53.27 -7.21 9.27
CA SER A 218 53.23 -8.59 9.73
C SER A 218 52.47 -8.71 11.03
N LYS A 219 52.67 -7.85 12.02
CA LYS A 219 51.85 -7.93 13.23
C LYS A 219 50.37 -7.69 12.94
N PHE A 220 50.05 -6.68 12.14
CA PHE A 220 48.67 -6.39 11.76
C PHE A 220 48.02 -7.54 11.00
N HIS A 221 48.71 -8.17 10.05
CA HIS A 221 48.16 -9.34 9.38
C HIS A 221 48.12 -10.57 10.27
N LYS A 222 49.04 -10.78 11.22
CA LYS A 222 48.90 -11.87 12.20
C LYS A 222 47.65 -11.67 13.06
N GLN A 223 47.29 -10.44 13.38
CA GLN A 223 46.04 -10.15 14.08
C GLN A 223 44.82 -10.51 13.20
N ILE A 224 44.87 -10.35 11.87
CA ILE A 224 43.80 -10.89 11.01
C ILE A 224 43.81 -12.41 10.94
N VAL A 225 44.95 -13.10 11.04
CA VAL A 225 44.97 -14.56 11.22
C VAL A 225 44.19 -14.97 12.47
N MET A 226 44.36 -14.28 13.58
CA MET A 226 43.54 -14.55 14.76
C MET A 226 42.07 -14.32 14.48
N GLN A 227 41.72 -13.36 13.61
CA GLN A 227 40.34 -13.20 13.19
C GLN A 227 39.86 -14.40 12.38
N LEU A 228 40.71 -15.07 11.61
CA LEU A 228 40.34 -16.31 10.92
C LEU A 228 40.03 -17.42 11.91
N ASP A 229 40.81 -17.52 12.98
CA ASP A 229 40.58 -18.56 13.96
C ASP A 229 39.22 -18.38 14.64
N LYS A 230 38.90 -17.17 15.12
CA LYS A 230 37.58 -16.94 15.70
C LYS A 230 36.46 -17.13 14.67
N LEU A 231 36.71 -16.84 13.40
CA LEU A 231 35.74 -17.13 12.34
C LEU A 231 35.55 -18.62 12.11
N GLY A 232 36.58 -19.46 12.29
CA GLY A 232 36.42 -20.92 12.21
C GLY A 232 35.48 -21.45 13.30
N GLU A 233 35.66 -20.94 14.50
CA GLU A 233 34.78 -21.26 15.64
C GLU A 233 33.32 -20.80 15.36
N SER A 234 33.20 -19.55 14.92
CA SER A 234 31.94 -18.94 14.48
C SER A 234 31.28 -19.70 13.34
N MET A 235 32.06 -20.39 12.51
CA MET A 235 31.66 -20.90 11.21
C MET A 235 30.43 -21.74 11.33
N ASP A 236 30.46 -22.63 12.31
CA ASP A 236 29.36 -23.55 12.41
C ASP A 236 28.07 -22.87 12.86
N TYR A 237 28.11 -21.94 13.82
CA TYR A 237 26.83 -21.37 14.29
C TYR A 237 26.11 -20.49 13.28
N LEU A 238 26.85 -19.65 12.56
CA LEU A 238 26.25 -18.50 11.88
C LEU A 238 25.10 -18.91 10.96
N MET B 1 -4.82 22.55 6.12
CA MET B 1 -4.67 21.67 4.95
C MET B 1 -4.52 20.20 5.29
N ALA B 2 -3.74 19.82 6.30
CA ALA B 2 -3.37 18.43 6.54
C ALA B 2 -4.56 17.49 6.69
N ASP B 3 -5.65 17.88 7.32
CA ASP B 3 -6.83 17.04 7.42
C ASP B 3 -7.60 16.91 6.10
N LEU B 4 -7.76 17.99 5.35
CA LEU B 4 -8.41 17.94 4.05
C LEU B 4 -7.62 17.04 3.10
N PHE B 5 -6.33 17.27 3.05
CA PHE B 5 -5.39 16.38 2.44
C PHE B 5 -5.41 15.03 3.14
N ASN B 6 -5.85 14.93 4.39
CA ASN B 6 -6.11 13.65 5.03
C ASN B 6 -7.24 12.93 4.31
N LYS B 7 -8.12 13.55 3.55
CA LYS B 7 -8.93 12.78 2.61
C LYS B 7 -7.99 11.97 1.71
N HIS B 8 -6.88 12.54 1.25
CA HIS B 8 -5.83 11.74 0.58
C HIS B 8 -5.31 10.61 1.46
N LEU B 9 -5.02 10.87 2.74
CA LEU B 9 -4.56 9.83 3.68
C LEU B 9 -5.57 8.68 3.82
N LYS B 10 -6.83 9.01 4.07
CA LYS B 10 -7.92 8.05 4.27
C LYS B 10 -8.10 7.18 3.05
N LYS B 11 -8.19 7.81 1.87
CA LYS B 11 -8.24 7.11 0.59
C LYS B 11 -7.07 6.17 0.45
N ALA B 12 -5.87 6.67 0.68
CA ALA B 12 -4.67 5.92 0.39
C ALA B 12 -4.60 4.64 1.19
N THR B 13 -4.76 4.69 2.51
CA THR B 13 -4.42 3.51 3.30
C THR B 13 -5.41 2.39 3.13
N ASN B 14 -6.72 2.62 3.31
CA ASN B 14 -7.65 1.51 3.21
C ASN B 14 -7.87 1.05 1.76
N ARG B 15 -8.02 1.97 0.82
CA ARG B 15 -8.19 1.61 -0.58
C ARG B 15 -6.96 0.87 -1.13
N THR B 16 -5.76 1.17 -0.65
CA THR B 16 -4.57 0.36 -1.00
C THR B 16 -4.76 -1.12 -0.67
N LYS B 17 -5.49 -1.49 0.39
CA LYS B 17 -5.76 -2.91 0.68
C LYS B 17 -6.47 -3.61 -0.49
N GLU B 18 -7.43 -2.96 -1.12
CA GLU B 18 -8.02 -3.50 -2.35
C GLU B 18 -7.00 -3.58 -3.49
N LYS B 19 -6.11 -2.61 -3.60
CA LYS B 19 -5.06 -2.58 -4.63
C LYS B 19 -4.12 -3.78 -4.52
N LEU B 20 -3.86 -4.30 -3.33
CA LEU B 20 -3.03 -5.50 -3.17
C LEU B 20 -3.59 -6.71 -3.92
N LEU B 21 -4.92 -6.85 -4.04
CA LEU B 21 -5.49 -7.92 -4.88
C LEU B 21 -4.97 -7.83 -6.31
N GLU B 22 -4.99 -6.62 -6.88
CA GLU B 22 -4.50 -6.41 -8.24
C GLU B 22 -3.01 -6.64 -8.38
N GLY B 23 -2.22 -6.39 -7.33
CA GLY B 23 -0.77 -6.52 -7.38
C GLY B 23 -0.25 -7.93 -7.65
N ILE B 24 -0.73 -8.97 -6.94
CA ILE B 24 -0.02 -10.27 -6.95
C ILE B 24 -0.13 -11.27 -8.14
N GLY B 25 -1.31 -11.75 -8.60
CA GLY B 25 -1.44 -12.96 -9.48
C GLY B 25 -2.53 -14.02 -9.11
N LYS B 26 -2.77 -15.04 -9.96
CA LYS B 26 -4.06 -15.81 -10.03
C LYS B 26 -4.34 -17.05 -9.13
N ALA B 27 -3.50 -17.42 -8.16
CA ALA B 27 -3.88 -18.43 -7.15
C ALA B 27 -3.07 -18.31 -5.85
N LYS B 28 -3.65 -18.81 -4.75
CA LYS B 28 -3.23 -18.46 -3.38
C LYS B 28 -3.00 -19.66 -2.44
N ALA B 29 -3.41 -20.86 -2.80
CA ALA B 29 -3.16 -22.07 -2.03
C ALA B 29 -1.84 -22.75 -2.48
N THR B 30 -0.77 -22.68 -1.67
CA THR B 30 0.63 -22.86 -2.16
C THR B 30 1.65 -23.43 -1.12
N GLN B 31 2.87 -23.81 -1.57
CA GLN B 31 3.97 -24.33 -0.72
C GLN B 31 4.68 -23.29 0.17
N ASP B 32 4.22 -22.05 0.16
CA ASP B 32 4.88 -20.87 0.70
C ASP B 32 5.24 -21.01 2.17
N GLU B 33 4.29 -21.48 2.98
CA GLU B 33 4.37 -21.49 4.45
C GLU B 33 5.65 -22.13 4.97
N VAL B 34 5.87 -23.41 4.66
CA VAL B 34 7.05 -24.10 5.16
C VAL B 34 8.25 -23.86 4.24
N PHE B 35 8.08 -24.04 2.94
CA PHE B 35 9.23 -24.17 2.05
C PHE B 35 9.61 -22.94 1.26
N ASP B 36 8.82 -21.88 1.13
CA ASP B 36 9.40 -20.65 0.59
C ASP B 36 10.41 -20.04 1.55
N GLN B 37 10.20 -20.19 2.86
CA GLN B 37 11.18 -19.77 3.85
C GLN B 37 12.47 -20.56 3.68
N HIS B 38 12.39 -21.88 3.50
CA HIS B 38 13.57 -22.67 3.16
C HIS B 38 14.16 -22.29 1.80
N ALA B 39 13.33 -21.91 0.83
CA ALA B 39 13.78 -21.48 -0.48
C ALA B 39 14.55 -20.18 -0.43
N ALA B 40 14.01 -19.18 0.23
CA ALA B 40 14.70 -17.93 0.46
C ALA B 40 16.01 -18.19 1.21
N ASN B 41 16.02 -19.03 2.23
CA ASN B 41 17.23 -19.39 2.96
C ASN B 41 18.32 -19.98 2.05
N LEU B 42 17.98 -20.97 1.24
CA LEU B 42 18.92 -21.56 0.30
C LEU B 42 19.33 -20.60 -0.83
N ASN B 43 18.47 -19.69 -1.25
CA ASN B 43 18.88 -18.61 -2.15
C ASN B 43 19.81 -17.59 -1.47
N LYS B 44 19.64 -17.27 -0.19
CA LYS B 44 20.54 -16.35 0.55
C LYS B 44 21.97 -16.87 0.64
N GLN B 45 22.12 -18.18 0.65
CA GLN B 45 23.41 -18.82 0.36
C GLN B 45 23.99 -18.45 -1.01
N SER B 46 23.24 -18.55 -2.09
CA SER B 46 23.76 -18.17 -3.42
C SER B 46 24.13 -16.69 -3.57
N LYS B 47 23.31 -15.79 -3.02
CA LYS B 47 23.39 -14.37 -3.39
C LYS B 47 24.64 -13.64 -2.90
N SER B 48 25.17 -14.03 -1.74
CA SER B 48 26.51 -13.58 -1.37
C SER B 48 27.63 -14.20 -2.19
N CYS B 49 27.48 -15.45 -2.65
CA CYS B 49 28.53 -16.14 -3.40
C CYS B 49 28.96 -15.40 -4.65
N GLU B 50 28.01 -14.97 -5.48
CA GLU B 50 28.38 -14.33 -6.75
C GLU B 50 29.20 -13.06 -6.54
N LYS B 51 28.85 -12.24 -5.55
CA LYS B 51 29.69 -11.08 -5.23
C LYS B 51 31.07 -11.51 -4.77
N LEU B 52 31.15 -12.47 -3.86
CA LEU B 52 32.41 -12.94 -3.32
C LEU B 52 33.31 -13.45 -4.44
N HIS B 53 32.79 -14.23 -5.37
CA HIS B 53 33.53 -14.74 -6.51
C HIS B 53 34.05 -13.62 -7.39
N LYS B 54 33.25 -12.62 -7.74
CA LYS B 54 33.71 -11.50 -8.56
C LYS B 54 34.92 -10.83 -7.91
N ASP B 55 34.80 -10.51 -6.64
CA ASP B 55 35.87 -9.82 -5.92
C ASP B 55 37.10 -10.68 -5.74
N VAL B 56 36.90 -11.96 -5.42
CA VAL B 56 37.99 -12.91 -5.21
C VAL B 56 38.75 -13.13 -6.51
N LYS B 57 38.08 -13.18 -7.67
CA LYS B 57 38.77 -13.37 -8.94
C LYS B 57 39.54 -12.12 -9.33
N ASN B 58 38.92 -10.94 -9.29
CA ASN B 58 39.59 -9.70 -9.58
C ASN B 58 40.81 -9.48 -8.67
N TYR B 59 40.64 -9.65 -7.37
CA TYR B 59 41.76 -9.49 -6.44
C TYR B 59 42.78 -10.62 -6.57
N SER B 60 42.40 -11.84 -6.93
CA SER B 60 43.39 -12.89 -7.22
C SER B 60 44.28 -12.51 -8.39
N SER B 61 43.76 -11.84 -9.42
CA SER B 61 44.60 -11.27 -10.48
C SER B 61 45.49 -10.17 -9.93
N ALA B 62 44.95 -9.30 -9.07
CA ALA B 62 45.73 -8.28 -8.38
C ALA B 62 46.87 -8.88 -7.56
N LEU B 63 46.64 -9.98 -6.87
CA LEU B 63 47.66 -10.68 -6.11
C LEU B 63 48.70 -11.31 -7.03
N ARG B 64 48.30 -11.89 -8.15
CA ARG B 64 49.24 -12.50 -9.08
C ARG B 64 50.21 -11.45 -9.62
N THR B 65 49.71 -10.28 -10.02
CA THR B 65 50.60 -9.19 -10.42
C THR B 65 51.43 -8.67 -9.26
N LEU B 66 50.86 -8.52 -8.06
CA LEU B 66 51.58 -8.07 -6.87
C LEU B 66 52.77 -8.97 -6.54
N LEU B 67 52.60 -10.27 -6.57
CA LEU B 67 53.68 -11.23 -6.34
C LEU B 67 54.72 -11.20 -7.45
N SER B 68 54.29 -11.03 -8.70
CA SER B 68 55.22 -10.85 -9.81
C SER B 68 56.07 -9.59 -9.62
N ALA B 69 55.48 -8.47 -9.22
CA ALA B 69 56.20 -7.24 -8.91
C ALA B 69 57.19 -7.43 -7.75
N GLU B 70 56.83 -8.21 -6.74
CA GLU B 70 57.76 -8.55 -5.67
C GLU B 70 58.91 -9.45 -6.14
N LYS B 71 58.70 -10.32 -7.12
CA LYS B 71 59.77 -11.09 -7.77
C LYS B 71 60.69 -10.17 -8.56
N GLN B 72 60.14 -9.21 -9.30
CA GLN B 72 60.95 -8.23 -10.01
C GLN B 72 61.80 -7.41 -9.04
N LEU B 73 61.22 -7.00 -7.91
CA LEU B 73 61.93 -6.26 -6.87
C LEU B 73 63.17 -7.02 -6.44
N ARG B 74 63.00 -8.30 -6.14
CA ARG B 74 64.09 -9.13 -5.67
C ARG B 74 65.16 -9.32 -6.72
N ASP B 75 64.77 -9.64 -7.95
CA ASP B 75 65.78 -9.83 -8.99
C ASP B 75 66.55 -8.55 -9.28
N THR B 76 65.86 -7.42 -9.18
CA THR B 76 66.45 -6.12 -9.43
C THR B 76 67.42 -5.75 -8.33
N ILE B 77 67.12 -6.04 -7.05
CA ILE B 77 68.09 -5.77 -6.00
C ILE B 77 69.28 -6.71 -6.12
N ARG B 78 69.09 -7.98 -6.45
CA ARG B 78 70.17 -8.96 -6.64
C ARG B 78 71.16 -8.47 -7.73
N ASP B 79 70.59 -8.10 -8.86
CA ASP B 79 71.32 -7.61 -10.03
C ASP B 79 71.96 -6.25 -9.81
N ALA B 80 71.31 -5.37 -9.06
CA ALA B 80 71.86 -4.06 -8.76
C ALA B 80 72.99 -4.14 -7.76
N TYR B 81 72.88 -5.06 -6.80
CA TYR B 81 73.98 -5.40 -5.94
C TYR B 81 75.14 -5.86 -6.81
N GLU B 82 76.33 -5.61 -6.34
CA GLU B 82 77.58 -5.80 -7.05
C GLU B 82 78.70 -6.20 -6.07
N PRO B 83 79.72 -6.95 -6.49
CA PRO B 83 80.49 -7.81 -5.60
C PRO B 83 81.51 -7.06 -4.74
N GLU B 84 81.70 -5.76 -4.98
CA GLU B 84 82.52 -4.90 -4.14
C GLU B 84 82.00 -4.83 -2.70
N TRP B 85 80.71 -5.08 -2.48
CA TRP B 85 80.02 -4.84 -1.21
C TRP B 85 79.86 -6.11 -0.35
N PRO B 86 79.72 -6.02 0.98
CA PRO B 86 80.11 -7.11 1.87
C PRO B 86 79.38 -8.46 1.83
N ASP B 87 78.08 -8.53 1.55
CA ASP B 87 77.23 -9.67 1.96
C ASP B 87 76.34 -10.29 0.88
N ARG B 88 76.58 -9.99 -0.40
CA ARG B 88 75.63 -10.20 -1.50
C ARG B 88 74.98 -11.57 -1.45
N GLU B 89 75.75 -12.60 -1.13
CA GLU B 89 75.22 -13.94 -1.05
C GLU B 89 74.18 -14.06 0.04
N HIS B 90 74.31 -13.39 1.20
CA HIS B 90 73.30 -13.71 2.22
C HIS B 90 71.92 -13.17 1.87
N LEU B 91 71.89 -11.90 1.50
CA LEU B 91 70.68 -11.24 1.04
C LEU B 91 70.14 -11.84 -0.26
N THR B 92 71.00 -12.32 -1.14
CA THR B 92 70.56 -13.06 -2.32
C THR B 92 69.76 -14.29 -1.91
N ALA B 93 70.26 -15.08 -0.96
CA ALA B 93 69.50 -16.22 -0.45
C ALA B 93 68.19 -15.79 0.23
N ILE B 94 68.16 -14.66 0.93
CA ILE B 94 66.92 -14.12 1.49
C ILE B 94 65.91 -13.87 0.39
N PHE B 95 66.33 -13.21 -0.70
CA PHE B 95 65.45 -12.95 -1.81
C PHE B 95 64.96 -14.26 -2.44
N ASP B 96 65.82 -15.23 -2.65
CA ASP B 96 65.41 -16.54 -3.16
C ASP B 96 64.38 -17.21 -2.25
N ASN B 97 64.52 -17.11 -0.94
CA ASN B 97 63.52 -17.64 -0.03
C ASN B 97 62.21 -16.89 -0.16
N LEU B 98 62.25 -15.58 -0.28
CA LEU B 98 61.04 -14.80 -0.47
C LEU B 98 60.40 -15.05 -1.84
N ASP B 99 61.17 -15.35 -2.89
CA ASP B 99 60.66 -15.90 -4.14
C ASP B 99 59.88 -17.19 -3.91
N ILE B 100 60.45 -18.15 -3.18
CA ILE B 100 59.76 -19.39 -2.85
C ILE B 100 58.46 -19.08 -2.14
N GLN B 101 58.48 -18.21 -1.14
CA GLN B 101 57.28 -17.84 -0.42
C GLN B 101 56.25 -17.14 -1.32
N THR B 102 56.66 -16.26 -2.24
CA THR B 102 55.72 -15.68 -3.17
C THR B 102 55.11 -16.76 -4.04
N ASN B 103 55.87 -17.74 -4.50
CA ASN B 103 55.34 -18.79 -5.36
C ASN B 103 54.34 -19.65 -4.61
N GLU B 104 54.56 -19.91 -3.33
CA GLU B 104 53.60 -20.62 -2.49
C GLU B 104 52.28 -19.85 -2.39
N LEU B 105 52.35 -18.56 -2.09
CA LEU B 105 51.17 -17.72 -1.97
C LEU B 105 50.45 -17.62 -3.30
N GLU B 106 51.18 -17.45 -4.39
CA GLU B 106 50.62 -17.36 -5.73
C GLU B 106 49.85 -18.63 -6.07
N LYS B 107 50.46 -19.79 -5.86
CA LYS B 107 49.79 -21.06 -6.09
C LYS B 107 48.53 -21.16 -5.25
N THR B 108 48.66 -20.89 -3.97
CA THR B 108 47.58 -21.17 -3.05
C THR B 108 46.40 -20.24 -3.25
N VAL B 109 46.62 -18.93 -3.28
CA VAL B 109 45.52 -18.03 -3.52
C VAL B 109 45.09 -17.98 -4.96
N CYS B 110 46.01 -17.77 -5.89
CA CYS B 110 45.56 -17.43 -7.21
C CYS B 110 45.02 -18.65 -7.92
N ASP B 111 45.76 -19.74 -7.91
CA ASP B 111 45.30 -20.97 -8.51
C ASP B 111 44.33 -21.79 -7.65
N ASP B 112 44.71 -22.13 -6.42
CA ASP B 112 43.96 -23.09 -5.60
C ASP B 112 42.68 -22.61 -4.91
N LEU B 113 42.60 -21.35 -4.51
CA LEU B 113 41.50 -20.82 -3.70
C LEU B 113 40.07 -21.12 -4.20
N PRO B 114 39.76 -21.05 -5.51
CA PRO B 114 38.38 -21.14 -5.96
C PRO B 114 37.76 -22.47 -5.62
N GLN B 115 38.54 -23.55 -5.71
CA GLN B 115 38.08 -24.87 -5.33
C GLN B 115 37.61 -24.88 -3.88
N THR B 116 38.19 -24.08 -3.00
CA THR B 116 37.72 -24.05 -1.62
C THR B 116 36.30 -23.51 -1.49
N VAL B 117 35.79 -22.73 -2.44
CA VAL B 117 34.35 -22.45 -2.50
C VAL B 117 33.60 -23.71 -2.89
N THR B 118 34.00 -24.29 -4.02
CA THR B 118 33.40 -25.52 -4.55
C THR B 118 33.38 -26.64 -3.54
N GLN B 119 34.37 -26.70 -2.64
CA GLN B 119 34.60 -27.74 -1.62
C GLN B 119 33.35 -28.13 -0.85
N TYR B 120 32.44 -27.18 -0.68
CA TYR B 120 31.12 -27.48 -0.14
C TYR B 120 29.97 -26.96 -1.01
N VAL B 121 30.20 -26.07 -1.97
CA VAL B 121 29.17 -25.65 -2.95
C VAL B 121 28.72 -26.78 -3.88
N ASN B 122 29.50 -27.86 -4.03
CA ASN B 122 29.25 -29.06 -4.73
C ASN B 122 27.80 -29.45 -4.71
N GLN B 123 27.23 -29.46 -3.51
CA GLN B 123 25.89 -30.01 -3.27
C GLN B 123 24.77 -28.99 -3.47
N PHE B 124 25.04 -27.69 -3.42
CA PHE B 124 23.96 -26.71 -3.35
C PHE B 124 23.06 -26.67 -4.58
N PRO B 125 23.51 -26.91 -5.81
CA PRO B 125 22.61 -26.89 -6.95
C PRO B 125 21.41 -27.80 -6.85
N ASP B 126 21.71 -29.09 -6.74
CA ASP B 126 20.70 -30.13 -6.60
C ASP B 126 19.76 -29.79 -5.47
N LEU B 127 20.27 -29.30 -4.36
CA LEU B 127 19.46 -28.90 -3.23
C LEU B 127 18.57 -27.68 -3.51
N LYS B 128 19.08 -26.68 -4.23
CA LYS B 128 18.27 -25.55 -4.70
C LYS B 128 17.15 -26.07 -5.59
N LYS B 129 17.44 -26.94 -6.54
CA LYS B 129 16.51 -27.62 -7.35
C LYS B 129 15.52 -28.36 -6.51
N LYS B 130 15.98 -29.06 -5.48
CA LYS B 130 15.11 -29.83 -4.61
C LYS B 130 14.12 -28.97 -3.82
N ILE B 131 14.36 -27.70 -3.52
CA ILE B 131 13.29 -26.89 -2.90
C ILE B 131 12.03 -26.91 -3.77
N GLU B 132 12.23 -26.85 -5.07
CA GLU B 132 11.18 -26.91 -6.07
C GLU B 132 10.57 -28.32 -6.11
N LYS B 133 11.39 -29.37 -6.04
CA LYS B 133 10.97 -30.78 -5.94
C LYS B 133 9.95 -30.96 -4.83
N ARG B 134 10.23 -30.44 -3.63
CA ARG B 134 9.28 -30.46 -2.52
C ARG B 134 8.01 -29.70 -2.86
N GLY B 135 8.18 -28.51 -3.42
CA GLY B 135 7.07 -27.64 -3.80
C GLY B 135 6.11 -28.28 -4.78
N ARG B 136 6.59 -29.00 -5.80
CA ARG B 136 5.74 -29.64 -6.82
C ARG B 136 4.60 -30.41 -6.19
N LYS B 137 4.92 -31.29 -5.23
CA LYS B 137 3.91 -32.09 -4.55
C LYS B 137 3.36 -31.48 -3.28
N LEU B 138 3.94 -30.42 -2.72
CA LEU B 138 3.19 -29.62 -1.73
C LEU B 138 1.95 -29.01 -2.40
N VAL B 139 2.11 -28.50 -3.61
CA VAL B 139 0.98 -28.06 -4.42
C VAL B 139 0.07 -29.22 -4.82
N ASP B 140 0.57 -30.25 -5.50
CA ASP B 140 -0.33 -31.27 -6.04
C ASP B 140 -1.06 -32.07 -4.97
N TYR B 141 -0.50 -32.21 -3.77
CA TYR B 141 -1.16 -32.84 -2.64
C TYR B 141 -2.48 -32.15 -2.31
N ASP B 142 -2.45 -30.85 -2.07
CA ASP B 142 -3.65 -30.10 -1.75
C ASP B 142 -4.64 -30.19 -2.89
N SER B 143 -4.16 -30.01 -4.12
CA SER B 143 -4.97 -30.11 -5.32
C SER B 143 -5.68 -31.46 -5.42
N ALA B 144 -4.98 -32.56 -5.17
CA ALA B 144 -5.57 -33.87 -5.19
C ALA B 144 -6.50 -34.11 -4.00
N LYS B 145 -6.15 -33.61 -2.81
CA LYS B 145 -6.94 -33.79 -1.60
C LYS B 145 -8.32 -33.17 -1.76
N ASN B 146 -8.32 -31.89 -2.10
CA ASN B 146 -9.51 -31.11 -2.42
C ASN B 146 -10.27 -31.73 -3.58
N SER B 147 -9.58 -32.19 -4.62
CA SER B 147 -10.19 -32.84 -5.78
C SER B 147 -10.97 -34.08 -5.38
N PHE B 148 -10.44 -34.91 -4.50
CA PHE B 148 -11.17 -36.07 -4.00
C PHE B 148 -12.45 -35.64 -3.32
N ASN B 149 -12.36 -34.69 -2.39
CA ASN B 149 -13.54 -34.14 -1.73
C ASN B 149 -14.52 -33.53 -2.72
N SER B 150 -14.04 -32.79 -3.72
CA SER B 150 -14.77 -32.21 -4.77
C SER B 150 -15.62 -33.23 -5.46
N VAL B 151 -14.99 -34.30 -5.94
CA VAL B 151 -15.70 -35.36 -6.64
C VAL B 151 -16.77 -35.95 -5.73
N LYS B 152 -16.39 -36.29 -4.50
CA LYS B 152 -17.31 -36.86 -3.51
C LYS B 152 -18.45 -35.91 -3.14
N ALA B 153 -18.33 -34.63 -3.48
CA ALA B 153 -19.26 -33.60 -3.29
C ALA B 153 -20.12 -33.33 -4.51
N SER B 154 -19.59 -33.58 -5.70
CA SER B 154 -20.22 -33.19 -6.95
C SER B 154 -21.02 -34.32 -7.55
N SER B 155 -20.52 -35.54 -7.43
CA SER B 155 -21.19 -36.69 -8.02
C SER B 155 -22.34 -37.20 -7.17
N LYS B 156 -23.45 -37.56 -7.83
CA LYS B 156 -24.59 -38.24 -7.24
C LYS B 156 -24.26 -39.60 -6.59
N LYS B 157 -23.14 -40.22 -6.95
CA LYS B 157 -22.63 -41.50 -6.44
C LYS B 157 -21.11 -41.51 -6.33
N ASP B 158 -20.46 -42.38 -5.55
CA ASP B 158 -18.99 -42.53 -5.59
C ASP B 158 -18.47 -42.98 -6.96
N ASN B 159 -19.30 -43.77 -7.63
CA ASN B 159 -18.91 -44.66 -8.71
C ASN B 159 -18.14 -43.90 -9.79
N ASP B 160 -18.50 -42.63 -9.95
CA ASP B 160 -17.81 -41.60 -10.69
C ASP B 160 -16.29 -41.78 -10.62
N PRO B 161 -15.68 -42.47 -11.61
CA PRO B 161 -14.30 -42.90 -11.60
C PRO B 161 -13.38 -41.75 -11.22
N LYS B 162 -13.85 -40.51 -11.38
CA LYS B 162 -13.11 -39.33 -10.95
C LYS B 162 -12.76 -39.46 -9.48
N LEU B 163 -13.58 -40.13 -8.66
CA LEU B 163 -13.24 -40.23 -7.25
C LEU B 163 -12.02 -41.12 -7.10
N ALA B 164 -11.98 -42.22 -7.86
CA ALA B 164 -10.81 -43.08 -7.88
C ALA B 164 -9.57 -42.31 -8.33
N LYS B 165 -9.65 -41.59 -9.45
CA LYS B 165 -8.54 -40.81 -9.99
C LYS B 165 -8.00 -39.81 -8.98
N ALA B 166 -8.87 -39.04 -8.33
CA ALA B 166 -8.46 -38.11 -7.30
C ALA B 166 -7.84 -38.78 -6.08
N THR B 167 -8.27 -39.99 -5.73
CA THR B 167 -7.65 -40.77 -4.66
C THR B 167 -6.23 -41.16 -5.04
N MET B 168 -6.03 -41.62 -6.27
CA MET B 168 -4.72 -42.01 -6.77
C MET B 168 -3.78 -40.81 -6.78
N GLU B 169 -4.24 -39.67 -7.25
CA GLU B 169 -3.45 -38.44 -7.19
C GLU B 169 -3.11 -38.06 -5.76
N LEU B 170 -4.05 -38.20 -4.83
CA LEU B 170 -3.84 -37.83 -3.44
C LEU B 170 -2.78 -38.72 -2.82
N GLN B 171 -2.89 -40.02 -3.00
CA GLN B 171 -1.91 -40.96 -2.46
C GLN B 171 -0.53 -40.68 -3.01
N ALA B 172 -0.41 -40.57 -4.33
CA ALA B 172 0.88 -40.36 -4.97
C ALA B 172 1.48 -39.04 -4.51
N ALA B 173 0.73 -37.95 -4.57
CA ALA B 173 1.23 -36.67 -4.12
C ALA B 173 1.58 -36.68 -2.64
N GLU B 174 0.82 -37.33 -1.77
CA GLU B 174 1.16 -37.41 -0.35
C GLU B 174 2.43 -38.21 -0.11
N GLN B 175 2.66 -39.28 -0.88
CA GLN B 175 3.87 -40.08 -0.75
C GLN B 175 5.09 -39.25 -1.11
N MET B 176 5.06 -38.58 -2.26
CA MET B 176 6.13 -37.69 -2.66
C MET B 176 6.26 -36.54 -1.68
N TYR B 177 5.16 -35.93 -1.25
CA TYR B 177 5.14 -34.83 -0.31
C TYR B 177 5.85 -35.17 0.97
N THR B 178 5.58 -36.34 1.53
CA THR B 178 6.14 -36.76 2.80
C THR B 178 7.60 -37.10 2.65
N GLU B 179 7.97 -37.84 1.62
CA GLU B 179 9.37 -38.17 1.35
C GLU B 179 10.22 -36.90 1.20
N MET B 180 9.74 -35.99 0.37
CA MET B 180 10.37 -34.71 0.12
C MET B 180 10.35 -33.82 1.34
N ASN B 181 9.33 -33.88 2.20
CA ASN B 181 9.38 -33.20 3.50
C ASN B 181 10.56 -33.72 4.31
N ASN B 182 10.72 -35.03 4.44
CA ASN B 182 11.72 -35.59 5.34
C ASN B 182 13.13 -35.21 4.90
N GLU B 183 13.41 -35.42 3.62
CA GLU B 183 14.71 -35.10 3.05
C GLU B 183 14.98 -33.59 3.11
N LEU B 184 14.04 -32.81 2.63
CA LEU B 184 14.24 -31.41 2.35
C LEU B 184 14.13 -30.48 3.54
N LEU B 185 13.31 -30.83 4.52
CA LEU B 185 13.19 -30.06 5.73
C LEU B 185 14.51 -30.05 6.46
N GLU B 186 15.19 -31.19 6.58
CA GLU B 186 16.53 -31.15 7.15
C GLU B 186 17.53 -30.51 6.20
N ILE B 187 17.59 -30.99 4.95
CA ILE B 187 18.77 -30.68 4.17
C ILE B 187 18.80 -29.23 3.78
N LEU B 188 17.71 -28.68 3.27
CA LEU B 188 17.77 -27.37 2.65
C LEU B 188 18.07 -26.26 3.66
N PRO B 189 17.43 -26.22 4.84
CA PRO B 189 17.80 -25.26 5.85
C PRO B 189 19.18 -25.54 6.44
N ALA B 190 19.56 -26.81 6.61
CA ALA B 190 20.90 -27.12 7.07
C ALA B 190 21.94 -26.61 6.09
N VAL B 191 21.63 -26.64 4.79
CA VAL B 191 22.52 -26.19 3.76
C VAL B 191 22.65 -24.68 3.73
N PHE B 192 21.58 -23.92 3.98
CA PHE B 192 21.70 -22.49 4.25
C PHE B 192 22.62 -22.18 5.41
N ASP B 193 22.44 -22.83 6.55
CA ASP B 193 23.25 -22.58 7.72
C ASP B 193 24.73 -22.98 7.46
N SER B 194 24.92 -24.13 6.87
CA SER B 194 26.20 -24.55 6.32
C SER B 194 26.73 -23.63 5.19
N ARG B 195 25.98 -22.68 4.60
CA ARG B 195 26.59 -21.71 3.65
C ARG B 195 27.82 -21.08 4.25
N ILE B 196 27.79 -20.81 5.54
CA ILE B 196 28.97 -20.28 6.21
C ILE B 196 30.15 -21.23 6.07
N THR B 197 29.93 -22.54 5.99
CA THR B 197 31.05 -23.49 5.80
C THR B 197 31.92 -23.15 4.58
N PHE B 198 31.34 -22.96 3.39
CA PHE B 198 32.22 -22.67 2.24
C PHE B 198 32.78 -21.26 2.29
N PHE B 199 32.02 -20.28 2.82
CA PHE B 199 32.59 -18.95 2.98
C PHE B 199 33.83 -19.03 3.85
N VAL B 200 33.72 -19.66 5.00
CA VAL B 200 34.83 -19.79 5.90
C VAL B 200 36.03 -20.57 5.37
N ASP B 201 35.82 -21.67 4.65
CA ASP B 201 36.90 -22.38 4.02
C ASP B 201 37.65 -21.48 3.05
N THR B 202 36.93 -20.71 2.24
CA THR B 202 37.53 -19.90 1.20
C THR B 202 38.28 -18.75 1.81
N LEU B 203 37.66 -17.99 2.71
CA LEU B 203 38.31 -16.87 3.36
C LEU B 203 39.53 -17.34 4.16
N GLN B 204 39.42 -18.46 4.87
CA GLN B 204 40.56 -19.01 5.58
C GLN B 204 41.68 -19.36 4.62
N THR B 205 41.40 -20.03 3.51
CA THR B 205 42.44 -20.35 2.53
C THR B 205 43.15 -19.10 2.06
N LEU B 206 42.39 -18.08 1.67
CA LEU B 206 42.92 -16.85 1.13
C LEU B 206 43.83 -16.15 2.13
N PHE B 207 43.33 -15.93 3.34
CA PHE B 207 44.07 -15.19 4.33
C PHE B 207 45.22 -15.99 4.92
N ASN B 208 45.08 -17.31 5.06
CA ASN B 208 46.14 -18.17 5.58
C ASN B 208 47.36 -18.14 4.66
N ALA B 209 47.14 -18.23 3.36
CA ALA B 209 48.23 -18.13 2.41
C ALA B 209 48.89 -16.76 2.51
N ASN B 210 48.09 -15.69 2.52
CA ASN B 210 48.64 -14.35 2.60
C ASN B 210 49.48 -14.16 3.86
N SER B 211 48.96 -14.58 5.00
CA SER B 211 49.64 -14.42 6.28
C SER B 211 50.91 -15.25 6.38
N VAL B 212 50.93 -16.48 5.87
CA VAL B 212 52.20 -17.24 5.89
C VAL B 212 53.26 -16.53 5.07
N TYR B 213 52.90 -16.01 3.89
CA TYR B 213 53.87 -15.27 3.11
C TYR B 213 54.40 -14.05 3.85
N GLN B 214 53.52 -13.21 4.37
CA GLN B 214 53.95 -11.97 5.00
C GLN B 214 54.71 -12.23 6.30
N THR B 215 54.40 -13.30 7.01
CA THR B 215 55.16 -13.72 8.19
C THR B 215 56.59 -14.06 7.82
N ASP B 216 56.80 -14.79 6.73
CA ASP B 216 58.13 -15.01 6.23
C ASP B 216 58.78 -13.74 5.70
N ALA B 217 58.03 -12.91 4.99
CA ALA B 217 58.53 -11.66 4.45
C ALA B 217 59.06 -10.74 5.54
N SER B 218 58.40 -10.66 6.70
CA SER B 218 58.86 -9.79 7.77
C SER B 218 60.20 -10.24 8.34
N LYS B 219 60.41 -11.55 8.59
CA LYS B 219 61.72 -11.99 9.05
C LYS B 219 62.78 -11.80 7.98
N PHE B 220 62.48 -12.08 6.73
CA PHE B 220 63.41 -11.85 5.62
C PHE B 220 63.78 -10.37 5.50
N HIS B 221 62.83 -9.46 5.60
CA HIS B 221 63.13 -8.04 5.53
C HIS B 221 63.83 -7.54 6.79
N LYS B 222 63.54 -8.05 7.98
CA LYS B 222 64.32 -7.71 9.19
C LYS B 222 65.76 -8.19 9.08
N GLN B 223 66.00 -9.34 8.47
CA GLN B 223 67.37 -9.79 8.17
C GLN B 223 68.06 -8.80 7.22
N ILE B 224 67.42 -8.32 6.15
CA ILE B 224 68.04 -7.25 5.34
C ILE B 224 68.21 -5.95 6.14
N VAL B 225 67.38 -5.62 7.12
CA VAL B 225 67.68 -4.49 8.04
C VAL B 225 69.01 -4.69 8.74
N MET B 226 69.31 -5.88 9.24
CA MET B 226 70.63 -6.13 9.84
C MET B 226 71.75 -5.89 8.83
N GLN B 227 71.50 -6.18 7.55
CA GLN B 227 72.40 -5.84 6.46
C GLN B 227 72.61 -4.34 6.33
N LEU B 228 71.62 -3.49 6.61
CA LEU B 228 71.78 -2.04 6.66
C LEU B 228 72.71 -1.62 7.79
N ASP B 229 72.59 -2.25 8.95
CA ASP B 229 73.37 -1.88 10.11
C ASP B 229 74.86 -2.15 9.84
N LYS B 230 75.19 -3.34 9.36
CA LYS B 230 76.56 -3.63 8.98
C LYS B 230 77.05 -2.75 7.82
N LEU B 231 76.17 -2.33 6.91
CA LEU B 231 76.53 -1.41 5.84
C LEU B 231 76.84 0.00 6.38
N GLY B 232 76.21 0.46 7.46
CA GLY B 232 76.61 1.69 8.13
C GLY B 232 78.06 1.63 8.62
N GLU B 233 78.42 0.53 9.27
CA GLU B 233 79.77 0.33 9.76
C GLU B 233 80.79 0.29 8.60
N SER B 234 80.43 -0.44 7.56
CA SER B 234 81.14 -0.49 6.29
C SER B 234 81.31 0.88 5.63
N MET B 235 80.40 1.82 5.91
CA MET B 235 80.26 3.05 5.17
C MET B 235 81.55 3.82 5.07
N ASP B 236 82.27 3.97 6.18
CA ASP B 236 83.54 4.68 6.06
C ASP B 236 84.57 3.90 5.26
N TYR B 237 84.80 2.61 5.55
CA TYR B 237 85.99 2.01 4.95
C TYR B 237 85.98 1.96 3.43
N LEU B 238 84.87 1.58 2.81
CA LEU B 238 84.86 1.22 1.40
C LEU B 238 85.43 2.35 0.52
N MET C 1 6.50 -14.41 -16.09
CA MET C 1 6.89 -13.52 -17.22
C MET C 1 6.39 -12.07 -17.05
N ALA C 2 5.10 -11.83 -16.88
CA ALA C 2 4.57 -10.49 -16.58
C ALA C 2 5.10 -9.96 -15.25
N ASP C 3 5.39 -10.86 -14.32
CA ASP C 3 6.00 -10.61 -13.01
C ASP C 3 7.32 -9.86 -13.14
N LEU C 4 8.10 -10.07 -14.21
CA LEU C 4 9.30 -9.27 -14.48
C LEU C 4 8.93 -7.78 -14.57
N PHE C 5 7.86 -7.44 -15.27
CA PHE C 5 7.39 -6.06 -15.26
C PHE C 5 6.97 -5.59 -13.86
N ASN C 6 6.44 -6.49 -13.02
CA ASN C 6 6.21 -6.17 -11.61
C ASN C 6 7.47 -5.66 -10.90
N LYS C 7 8.69 -6.07 -11.27
CA LYS C 7 9.91 -5.48 -10.68
C LYS C 7 9.93 -3.97 -10.83
N HIS C 8 9.48 -3.45 -11.97
CA HIS C 8 9.38 -2.01 -12.14
C HIS C 8 8.36 -1.39 -11.18
N LEU C 9 7.22 -2.04 -10.98
CA LEU C 9 6.24 -1.53 -10.01
C LEU C 9 6.79 -1.57 -8.59
N LYS C 10 7.61 -2.57 -8.23
CA LYS C 10 8.21 -2.66 -6.90
C LYS C 10 9.03 -1.44 -6.55
N LYS C 11 9.91 -0.95 -7.42
CA LYS C 11 10.74 0.22 -7.07
C LYS C 11 9.90 1.46 -6.75
N ALA C 12 8.92 1.77 -7.59
CA ALA C 12 8.08 2.92 -7.35
C ALA C 12 7.21 2.76 -6.08
N THR C 13 6.54 1.63 -5.94
CA THR C 13 5.62 1.39 -4.82
C THR C 13 6.33 1.36 -3.47
N ASN C 14 7.58 0.91 -3.40
CA ASN C 14 8.29 0.98 -2.14
C ASN C 14 8.53 2.42 -1.70
N ARG C 15 8.84 3.33 -2.62
CA ARG C 15 8.95 4.76 -2.27
C ARG C 15 7.62 5.37 -1.82
N THR C 16 6.49 4.95 -2.39
CA THR C 16 5.20 5.43 -1.87
C THR C 16 4.91 4.92 -0.45
N LYS C 17 5.35 3.70 -0.10
CA LYS C 17 5.16 3.13 1.25
C LYS C 17 5.75 4.02 2.34
N GLU C 18 6.94 4.52 2.10
CA GLU C 18 7.62 5.49 2.96
C GLU C 18 6.78 6.75 3.15
N LYS C 19 6.24 7.28 2.06
CA LYS C 19 5.55 8.58 2.04
C LYS C 19 4.15 8.53 2.69
N LEU C 20 3.47 7.40 2.59
CA LEU C 20 2.26 7.10 3.36
C LEU C 20 2.54 7.09 4.87
N LEU C 21 3.60 6.38 5.26
CA LEU C 21 4.03 6.24 6.67
C LEU C 21 4.40 7.60 7.27
N GLU C 22 5.01 8.48 6.48
CA GLU C 22 5.22 9.90 6.83
C GLU C 22 3.92 10.62 7.20
N GLY C 23 2.77 10.17 6.70
CA GLY C 23 1.48 10.61 7.23
C GLY C 23 1.30 10.42 8.76
N ILE C 24 1.90 9.43 9.44
CA ILE C 24 1.41 8.97 10.80
C ILE C 24 1.60 9.77 12.15
N GLY C 25 2.77 10.27 12.62
CA GLY C 25 2.93 10.97 13.95
C GLY C 25 3.89 10.36 15.05
N LYS C 26 3.95 10.93 16.28
CA LYS C 26 4.85 10.51 17.43
C LYS C 26 4.28 10.71 18.84
N ALA C 27 4.68 9.87 19.81
CA ALA C 27 3.95 9.60 21.06
C ALA C 27 4.66 8.75 22.15
N LYS C 28 4.14 8.78 23.40
CA LYS C 28 4.42 7.87 24.54
C LYS C 28 3.15 7.33 25.23
N ALA C 29 2.83 6.05 25.07
CA ALA C 29 1.70 5.37 25.74
C ALA C 29 0.32 6.07 25.65
N THR C 30 0.08 6.81 24.58
CA THR C 30 -0.91 7.89 24.51
C THR C 30 -2.33 7.40 24.43
N GLN C 31 -3.19 7.92 25.31
CA GLN C 31 -4.62 7.62 25.26
C GLN C 31 -5.30 8.17 24.01
N ASP C 32 -4.67 9.08 23.28
CA ASP C 32 -5.07 9.47 21.94
C ASP C 32 -5.19 8.29 20.99
N GLU C 33 -4.56 7.15 21.27
CA GLU C 33 -4.82 5.95 20.50
C GLU C 33 -6.28 5.50 20.64
N VAL C 34 -6.92 5.73 21.79
CA VAL C 34 -8.36 5.61 21.93
C VAL C 34 -9.08 6.72 21.17
N PHE C 35 -8.48 7.89 20.98
CA PHE C 35 -9.08 8.89 20.10
C PHE C 35 -8.96 8.50 18.63
N ASP C 36 -8.02 7.61 18.30
CA ASP C 36 -8.04 6.88 17.03
C ASP C 36 -9.14 5.82 16.99
N GLN C 37 -9.78 5.50 18.12
CA GLN C 37 -11.13 4.92 18.07
C GLN C 37 -12.15 6.01 17.74
N HIS C 38 -12.21 7.10 18.52
CA HIS C 38 -13.30 8.08 18.45
C HIS C 38 -13.67 8.53 17.06
N ALA C 39 -12.77 9.08 16.25
CA ALA C 39 -13.16 9.80 15.04
C ALA C 39 -13.96 8.94 14.05
N ALA C 40 -13.43 7.80 13.64
CA ALA C 40 -14.15 6.86 12.78
C ALA C 40 -15.38 6.24 13.46
N ASN C 41 -15.41 6.19 14.79
CA ASN C 41 -16.51 5.64 15.58
C ASN C 41 -17.67 6.62 15.79
N LEU C 42 -17.44 7.86 16.22
CA LEU C 42 -18.44 8.93 16.23
C LEU C 42 -18.91 9.30 14.82
N ASN C 43 -18.18 8.93 13.79
CA ASN C 43 -18.70 9.02 12.44
C ASN C 43 -19.65 7.88 12.08
N LYS C 44 -19.66 6.71 12.73
CA LYS C 44 -20.76 5.73 12.54
C LYS C 44 -22.08 6.37 12.94
N GLN C 45 -22.02 7.02 14.09
CA GLN C 45 -23.07 7.84 14.68
C GLN C 45 -23.53 8.92 13.73
N SER C 46 -22.63 9.66 13.08
CA SER C 46 -23.04 10.59 12.01
C SER C 46 -23.63 9.91 10.77
N LYS C 47 -22.97 8.94 10.18
CA LYS C 47 -23.37 8.40 8.87
C LYS C 47 -24.67 7.60 8.96
N SER C 48 -24.84 6.82 10.01
CA SER C 48 -26.11 6.14 10.26
C SER C 48 -27.21 7.14 10.58
N CYS C 49 -26.92 8.25 11.27
CA CYS C 49 -27.90 9.32 11.39
C CYS C 49 -28.34 9.84 10.04
N GLU C 50 -27.44 10.12 9.10
CA GLU C 50 -27.86 10.65 7.81
C GLU C 50 -28.82 9.69 7.08
N LYS C 51 -28.56 8.38 7.12
CA LYS C 51 -29.48 7.40 6.56
C LYS C 51 -30.81 7.42 7.29
N LEU C 52 -30.78 7.36 8.62
CA LEU C 52 -31.96 7.36 9.46
C LEU C 52 -32.81 8.60 9.21
N HIS C 53 -32.22 9.77 9.18
CA HIS C 53 -32.89 11.03 8.91
C HIS C 53 -33.52 11.05 7.53
N LYS C 54 -32.79 10.67 6.49
CA LYS C 54 -33.26 10.57 5.16
C LYS C 54 -34.53 9.75 5.09
N ASP C 55 -34.45 8.53 5.60
CA ASP C 55 -35.59 7.63 5.59
C ASP C 55 -36.73 8.17 6.41
N VAL C 56 -36.44 8.70 7.60
CA VAL C 56 -37.47 9.20 8.51
C VAL C 56 -38.20 10.37 7.89
N LYS C 57 -37.52 11.24 7.15
CA LYS C 57 -38.15 12.38 6.50
C LYS C 57 -39.03 11.94 5.32
N ASN C 58 -38.54 11.07 4.46
CA ASN C 58 -39.23 10.55 3.34
C ASN C 58 -40.49 9.84 3.78
N TYR C 59 -40.34 8.94 4.75
CA TYR C 59 -41.45 8.22 5.32
C TYR C 59 -42.35 9.10 6.18
N SER C 60 -41.88 10.16 6.84
CA SER C 60 -42.78 11.12 7.50
C SER C 60 -43.73 11.77 6.51
N SER C 61 -43.24 12.15 5.32
CA SER C 61 -44.13 12.60 4.24
C SER C 61 -45.09 11.49 3.84
N ALA C 62 -44.61 10.25 3.73
CA ALA C 62 -45.43 9.07 3.44
C ALA C 62 -46.52 8.86 4.49
N LEU C 63 -46.24 9.09 5.76
CA LEU C 63 -47.19 8.94 6.81
C LEU C 63 -48.21 10.08 6.77
N ARG C 64 -47.77 11.31 6.51
CA ARG C 64 -48.66 12.45 6.36
C ARG C 64 -49.69 12.21 5.27
N THR C 65 -49.26 11.68 4.13
CA THR C 65 -50.10 11.37 3.02
C THR C 65 -51.05 10.24 3.32
N LEU C 66 -50.58 9.23 4.05
CA LEU C 66 -51.38 8.10 4.48
C LEU C 66 -52.50 8.60 5.39
N LEU C 67 -52.19 9.42 6.38
CA LEU C 67 -53.17 9.92 7.32
C LEU C 67 -54.19 10.82 6.66
N SER C 68 -53.79 11.62 5.68
CA SER C 68 -54.66 12.38 4.85
C SER C 68 -55.60 11.49 4.07
N ALA C 69 -55.09 10.41 3.47
CA ALA C 69 -55.93 9.47 2.73
C ALA C 69 -56.95 8.79 3.64
N GLU C 70 -56.60 8.52 4.90
CA GLU C 70 -57.52 8.02 5.91
C GLU C 70 -58.54 9.07 6.37
N LYS C 71 -58.18 10.36 6.42
CA LYS C 71 -59.17 11.41 6.62
C LYS C 71 -60.19 11.39 5.49
N GLN C 72 -59.70 11.28 4.27
CA GLN C 72 -60.53 11.26 3.07
C GLN C 72 -61.44 10.05 3.06
N LEU C 73 -60.96 8.88 3.50
CA LEU C 73 -61.76 7.67 3.63
C LEU C 73 -62.98 7.92 4.51
N ARG C 74 -62.75 8.49 5.69
CA ARG C 74 -63.80 8.76 6.65
C ARG C 74 -64.77 9.76 6.09
N ASP C 75 -64.28 10.87 5.57
CA ASP C 75 -65.18 11.89 5.07
C ASP C 75 -66.02 11.38 3.90
N THR C 76 -65.44 10.52 3.08
CA THR C 76 -66.11 9.89 1.97
C THR C 76 -67.19 8.95 2.46
N ILE C 77 -66.95 8.08 3.44
CA ILE C 77 -68.01 7.21 3.94
C ILE C 77 -69.12 8.05 4.60
N ARG C 78 -68.75 9.02 5.43
CA ARG C 78 -69.67 9.93 6.13
C ARG C 78 -70.58 10.66 5.14
N ASP C 79 -70.02 11.20 4.07
CA ASP C 79 -70.76 11.88 3.00
C ASP C 79 -71.56 10.91 2.11
N ALA C 80 -71.00 9.75 1.79
CA ALA C 80 -71.62 8.75 0.93
C ALA C 80 -72.88 8.15 1.55
N TYR C 81 -72.91 8.07 2.86
CA TYR C 81 -73.99 7.53 3.66
C TYR C 81 -75.35 8.17 3.37
N GLU C 82 -76.44 7.47 3.66
CA GLU C 82 -77.80 7.96 3.47
C GLU C 82 -78.59 7.97 4.79
N PRO C 83 -79.49 8.93 5.02
CA PRO C 83 -80.15 9.10 6.32
C PRO C 83 -81.09 7.95 6.70
N GLU C 84 -81.37 7.04 5.78
CA GLU C 84 -82.25 5.91 6.01
C GLU C 84 -81.57 4.74 6.75
N TRP C 85 -80.30 4.88 7.16
CA TRP C 85 -79.56 3.85 7.90
C TRP C 85 -79.04 4.34 9.31
N PRO C 86 -79.42 3.66 10.39
CA PRO C 86 -79.54 4.30 11.72
C PRO C 86 -78.20 4.64 12.41
N ASP C 87 -77.27 3.73 12.29
CA ASP C 87 -75.94 3.94 12.78
C ASP C 87 -75.20 5.09 12.10
N ARG C 88 -75.73 5.76 11.07
CA ARG C 88 -75.03 6.90 10.46
C ARG C 88 -74.47 7.80 11.53
N GLU C 89 -75.26 8.09 12.56
CA GLU C 89 -74.69 8.90 13.65
C GLU C 89 -73.61 8.18 14.44
N HIS C 90 -73.80 6.93 14.79
CA HIS C 90 -72.74 6.25 15.58
C HIS C 90 -71.43 6.11 14.80
N LEU C 91 -71.46 5.58 13.60
CA LEU C 91 -70.27 5.43 12.78
C LEU C 91 -69.67 6.78 12.38
N THR C 92 -70.47 7.83 12.19
CA THR C 92 -69.92 9.18 12.06
C THR C 92 -69.08 9.55 13.26
N ALA C 93 -69.54 9.30 14.49
CA ALA C 93 -68.73 9.59 15.67
C ALA C 93 -67.47 8.71 15.72
N ILE C 94 -67.56 7.43 15.33
CA ILE C 94 -66.41 6.53 15.24
C ILE C 94 -65.37 7.13 14.30
N PHE C 95 -65.79 7.57 13.12
CA PHE C 95 -64.90 8.23 12.18
C PHE C 95 -64.35 9.53 12.73
N ASP C 96 -65.12 10.34 13.42
CA ASP C 96 -64.61 11.57 14.03
C ASP C 96 -63.53 11.28 15.06
N ASN C 97 -63.69 10.25 15.89
CA ASN C 97 -62.64 9.85 16.79
C ASN C 97 -61.41 9.40 16.03
N LEU C 98 -61.57 8.62 14.97
CA LEU C 98 -60.42 8.17 14.20
C LEU C 98 -59.72 9.31 13.44
N ASP C 99 -60.45 10.33 13.00
CA ASP C 99 -59.88 11.59 12.55
C ASP C 99 -58.99 12.20 13.63
N ILE C 100 -59.47 12.30 14.87
CA ILE C 100 -58.65 12.82 15.97
C ILE C 100 -57.39 11.97 16.11
N GLN C 101 -57.50 10.65 16.11
CA GLN C 101 -56.33 9.81 16.25
C GLN C 101 -55.35 9.98 15.09
N THR C 102 -55.82 10.11 13.85
CA THR C 102 -54.89 10.41 12.76
C THR C 102 -54.22 11.75 12.96
N ASN C 103 -54.93 12.78 13.42
CA ASN C 103 -54.31 14.08 13.65
C ASN C 103 -53.22 14.00 14.73
N GLU C 104 -53.46 13.24 15.80
CA GLU C 104 -52.48 13.02 16.84
C GLU C 104 -51.23 12.32 16.33
N LEU C 105 -51.40 11.26 15.54
CA LEU C 105 -50.28 10.58 14.91
C LEU C 105 -49.53 11.51 13.97
N GLU C 106 -50.24 12.24 13.12
CA GLU C 106 -49.65 13.14 12.16
C GLU C 106 -48.77 14.18 12.84
N LYS C 107 -49.30 14.84 13.88
CA LYS C 107 -48.52 15.76 14.68
C LYS C 107 -47.29 15.09 15.27
N THR C 108 -47.49 13.95 15.90
CA THR C 108 -46.45 13.36 16.70
C THR C 108 -45.30 12.85 15.86
N VAL C 109 -45.58 12.07 14.83
CA VAL C 109 -44.52 11.65 13.93
C VAL C 109 -44.09 12.73 12.96
N CYS C 110 -45.01 13.25 12.18
CA CYS C 110 -44.59 13.96 11.00
C CYS C 110 -44.00 15.30 11.37
N ASP C 111 -44.67 16.01 12.27
CA ASP C 111 -44.12 17.26 12.77
C ASP C 111 -43.06 17.07 13.85
N ASP C 112 -43.36 16.33 14.92
CA ASP C 112 -42.52 16.34 16.11
C ASP C 112 -41.23 15.50 16.10
N LEU C 113 -41.21 14.37 15.40
CA LEU C 113 -40.18 13.35 15.58
C LEU C 113 -38.72 13.82 15.45
N PRO C 114 -38.36 14.72 14.52
CA PRO C 114 -36.99 15.12 14.34
C PRO C 114 -36.36 15.70 15.61
N GLN C 115 -37.11 16.48 16.38
CA GLN C 115 -36.59 17.03 17.63
C GLN C 115 -36.15 15.93 18.57
N THR C 116 -36.80 14.77 18.56
CA THR C 116 -36.37 13.67 19.40
C THR C 116 -34.95 13.25 19.06
N VAL C 117 -34.63 13.15 17.76
CA VAL C 117 -33.23 12.89 17.40
C VAL C 117 -32.33 13.98 17.96
N THR C 118 -32.72 15.23 17.70
CA THR C 118 -31.94 16.39 18.06
C THR C 118 -31.61 16.41 19.53
N GLN C 119 -32.48 15.90 20.41
CA GLN C 119 -32.31 16.16 21.83
C GLN C 119 -30.96 15.64 22.34
N TYR C 120 -30.68 14.37 22.09
CA TYR C 120 -29.33 13.87 22.41
C TYR C 120 -28.21 14.27 21.42
N VAL C 121 -28.57 14.44 20.14
CA VAL C 121 -27.64 14.95 19.11
C VAL C 121 -27.02 16.29 19.45
N ASN C 122 -27.68 17.18 20.18
CA ASN C 122 -27.20 18.55 20.43
C ASN C 122 -25.77 18.58 20.98
N GLN C 123 -25.48 17.64 21.88
CA GLN C 123 -24.12 17.59 22.39
C GLN C 123 -23.09 17.09 21.37
N PHE C 124 -23.47 16.22 20.46
CA PHE C 124 -22.48 15.62 19.57
C PHE C 124 -21.68 16.59 18.72
N PRO C 125 -22.23 17.64 18.09
CA PRO C 125 -21.42 18.49 17.24
C PRO C 125 -20.21 19.06 17.95
N ASP C 126 -20.40 19.64 19.14
CA ASP C 126 -19.22 20.16 19.85
C ASP C 126 -18.22 19.05 20.16
N LEU C 127 -18.73 17.91 20.57
CA LEU C 127 -17.88 16.82 21.04
C LEU C 127 -17.05 16.17 19.93
N LYS C 128 -17.57 16.08 18.72
CA LYS C 128 -16.79 15.67 17.55
C LYS C 128 -15.61 16.61 17.34
N LYS C 129 -15.86 17.91 17.38
CA LYS C 129 -14.77 18.90 17.29
C LYS C 129 -13.75 18.69 18.40
N LYS C 130 -14.22 18.45 19.62
CA LYS C 130 -13.38 18.12 20.77
C LYS C 130 -12.45 16.93 20.51
N ILE C 131 -12.79 15.95 19.68
CA ILE C 131 -11.87 14.85 19.37
C ILE C 131 -10.54 15.41 18.88
N GLU C 132 -10.59 16.37 17.98
CA GLU C 132 -9.39 17.09 17.52
C GLU C 132 -8.82 18.07 18.54
N LYS C 133 -9.63 18.61 19.46
CA LYS C 133 -9.11 19.45 20.56
C LYS C 133 -8.00 18.68 21.29
N ARG C 134 -8.29 17.45 21.68
CA ARG C 134 -7.36 16.52 22.32
C ARG C 134 -6.25 16.07 21.39
N GLY C 135 -6.58 15.63 20.19
CA GLY C 135 -5.64 14.97 19.29
C GLY C 135 -4.43 15.84 18.94
N ARG C 136 -4.67 17.11 18.58
CA ARG C 136 -3.57 18.06 18.30
C ARG C 136 -2.65 18.20 19.48
N LYS C 137 -3.19 18.16 20.69
CA LYS C 137 -2.39 18.36 21.89
C LYS C 137 -1.45 17.21 22.17
N LEU C 138 -1.68 16.00 21.68
CA LEU C 138 -0.60 15.01 21.62
C LEU C 138 0.52 15.45 20.70
N VAL C 139 0.19 15.89 19.49
CA VAL C 139 1.22 16.27 18.52
C VAL C 139 2.10 17.35 19.11
N ASP C 140 1.51 18.39 19.69
CA ASP C 140 2.26 19.39 20.43
C ASP C 140 3.01 18.83 21.63
N TYR C 141 2.41 17.95 22.42
CA TYR C 141 3.02 17.49 23.65
C TYR C 141 4.28 16.68 23.37
N ASP C 142 4.20 15.65 22.54
CA ASP C 142 5.39 14.88 22.22
C ASP C 142 6.33 15.64 21.29
N SER C 143 5.84 16.49 20.38
CA SER C 143 6.74 17.35 19.61
C SER C 143 7.57 18.24 20.53
N ALA C 144 6.94 18.85 21.53
CA ALA C 144 7.64 19.68 22.49
C ALA C 144 8.58 18.86 23.37
N LYS C 145 8.16 17.68 23.81
CA LYS C 145 8.97 16.78 24.62
C LYS C 145 10.24 16.40 23.89
N ASN C 146 10.10 15.90 22.68
CA ASN C 146 11.25 15.50 21.88
C ASN C 146 12.08 16.72 21.44
N SER C 147 11.47 17.89 21.29
CA SER C 147 12.16 19.14 21.01
C SER C 147 13.05 19.54 22.17
N PHE C 148 12.58 19.45 23.40
CA PHE C 148 13.40 19.76 24.57
C PHE C 148 14.62 18.86 24.60
N ASN C 149 14.41 17.55 24.46
CA ASN C 149 15.51 16.60 24.38
C ASN C 149 16.46 16.94 23.22
N SER C 150 15.94 17.26 22.06
CA SER C 150 16.70 17.62 20.87
C SER C 150 17.57 18.84 21.12
N VAL C 151 17.06 19.87 21.79
CA VAL C 151 17.90 20.99 22.15
C VAL C 151 18.99 20.56 23.11
N LYS C 152 18.64 19.82 24.17
CA LYS C 152 19.61 19.44 25.18
C LYS C 152 20.72 18.56 24.62
N ALA C 153 20.41 17.77 23.60
CA ALA C 153 21.38 16.99 22.85
C ALA C 153 22.21 17.83 21.88
N SER C 154 21.58 18.71 21.12
CA SER C 154 22.25 19.50 20.09
C SER C 154 23.11 20.62 20.63
N SER C 155 22.62 21.36 21.61
CA SER C 155 23.22 22.59 22.09
C SER C 155 24.48 22.33 22.89
N LYS C 156 25.57 23.01 22.55
CA LYS C 156 26.89 22.76 23.15
C LYS C 156 26.94 23.03 24.64
N LYS C 157 26.24 24.05 25.12
CA LYS C 157 26.43 24.61 26.46
C LYS C 157 25.26 24.51 27.40
N ASP C 158 24.08 24.04 26.98
CA ASP C 158 22.85 24.50 27.63
C ASP C 158 22.83 26.04 27.57
N ASN C 159 22.22 26.77 28.49
CA ASN C 159 22.08 28.23 28.36
C ASN C 159 21.43 28.61 27.00
N ASP C 160 20.55 27.76 26.49
CA ASP C 160 20.01 27.88 25.14
C ASP C 160 18.54 28.33 25.18
N PRO C 161 18.19 29.48 24.58
CA PRO C 161 16.81 29.93 24.51
C PRO C 161 15.89 28.89 23.88
N LYS C 162 16.39 28.09 22.93
CA LYS C 162 15.63 26.97 22.37
C LYS C 162 15.18 26.00 23.45
N LEU C 163 16.01 25.72 24.46
CA LEU C 163 15.65 24.76 25.48
C LEU C 163 14.54 25.32 26.34
N ALA C 164 14.65 26.59 26.74
CA ALA C 164 13.59 27.26 27.47
C ALA C 164 12.28 27.26 26.69
N LYS C 165 12.30 27.66 25.41
CA LYS C 165 11.13 27.62 24.54
C LYS C 165 10.54 26.22 24.44
N ALA C 166 11.36 25.19 24.26
CA ALA C 166 10.89 23.82 24.20
C ALA C 166 10.31 23.34 25.53
N THR C 167 10.82 23.82 26.66
CA THR C 167 10.26 23.54 27.98
C THR C 167 8.89 24.18 28.13
N MET C 168 8.75 25.43 27.66
CA MET C 168 7.49 26.15 27.68
C MET C 168 6.45 25.45 26.81
N GLU C 169 6.82 25.02 25.61
CA GLU C 169 5.93 24.23 24.78
C GLU C 169 5.56 22.92 25.44
N LEU C 170 6.51 22.25 26.08
CA LEU C 170 6.24 20.98 26.72
C LEU C 170 5.22 21.15 27.84
N GLN C 171 5.42 22.12 28.70
CA GLN C 171 4.50 22.37 29.80
C GLN C 171 3.11 22.73 29.28
N ALA C 172 3.02 23.69 28.36
CA ALA C 172 1.76 24.14 27.83
C ALA C 172 1.00 23.00 27.15
N ALA C 173 1.67 22.28 26.27
CA ALA C 173 1.05 21.19 25.56
C ALA C 173 0.64 20.08 26.51
N GLU C 174 1.44 19.74 27.52
CA GLU C 174 1.09 18.73 28.50
C GLU C 174 -0.15 19.11 29.30
N GLN C 175 -0.28 20.37 29.71
CA GLN C 175 -1.47 20.84 30.41
C GLN C 175 -2.71 20.67 29.56
N MET C 176 -2.67 21.11 28.31
CA MET C 176 -3.80 20.95 27.42
C MET C 176 -4.09 19.49 27.15
N TYR C 177 -3.07 18.70 26.86
CA TYR C 177 -3.13 17.26 26.62
C TYR C 177 -3.82 16.56 27.79
N THR C 178 -3.41 16.83 29.02
CA THR C 178 -3.98 16.20 30.21
C THR C 178 -5.39 16.68 30.51
N GLU C 179 -5.68 17.97 30.38
CA GLU C 179 -7.03 18.50 30.56
C GLU C 179 -8.01 17.86 29.59
N MET C 180 -7.65 17.85 28.33
CA MET C 180 -8.45 17.26 27.28
C MET C 180 -8.55 15.76 27.46
N ASN C 181 -7.52 15.08 27.93
CA ASN C 181 -7.61 13.67 28.23
C ASN C 181 -8.72 13.41 29.24
N ASN C 182 -8.67 14.08 30.38
CA ASN C 182 -9.62 13.86 31.45
C ASN C 182 -11.04 14.11 30.99
N GLU C 183 -11.27 15.23 30.32
CA GLU C 183 -12.60 15.56 29.84
C GLU C 183 -13.06 14.58 28.76
N LEU C 184 -12.24 14.40 27.76
CA LEU C 184 -12.62 13.75 26.53
C LEU C 184 -12.60 12.25 26.54
N LEU C 185 -11.73 11.62 27.31
CA LEU C 185 -11.76 10.18 27.50
C LEU C 185 -13.01 9.77 28.24
N GLU C 186 -13.54 10.61 29.14
CA GLU C 186 -14.87 10.36 29.69
C GLU C 186 -15.96 10.62 28.65
N ILE C 187 -15.98 11.82 28.09
CA ILE C 187 -17.14 12.25 27.34
C ILE C 187 -17.26 11.56 26.00
N LEU C 188 -16.18 11.49 25.21
CA LEU C 188 -16.29 11.09 23.82
C LEU C 188 -16.63 9.61 23.69
N PRO C 189 -15.95 8.68 24.38
CA PRO C 189 -16.45 7.33 24.50
C PRO C 189 -17.88 7.24 25.02
N ALA C 190 -18.25 8.01 26.04
CA ALA C 190 -19.61 7.99 26.52
C ALA C 190 -20.59 8.40 25.41
N VAL C 191 -20.30 9.42 24.61
CA VAL C 191 -21.12 9.82 23.46
C VAL C 191 -21.26 8.72 22.43
N PHE C 192 -20.22 7.93 22.19
CA PHE C 192 -20.32 6.85 21.24
C PHE C 192 -21.39 5.85 21.69
N ASP C 193 -21.30 5.39 22.93
CA ASP C 193 -22.23 4.40 23.46
C ASP C 193 -23.64 5.00 23.67
N SER C 194 -23.69 6.17 24.25
CA SER C 194 -24.87 7.00 24.34
C SER C 194 -25.50 7.38 22.98
N ARG C 195 -24.84 7.19 21.82
CA ARG C 195 -25.50 7.42 20.52
C ARG C 195 -26.80 6.64 20.46
N ILE C 196 -26.80 5.46 21.04
CA ILE C 196 -28.02 4.66 21.11
C ILE C 196 -29.14 5.44 21.80
N THR C 197 -28.82 6.34 22.73
CA THR C 197 -29.87 7.18 23.35
C THR C 197 -30.73 7.93 22.34
N PHE C 198 -30.18 8.67 21.37
CA PHE C 198 -31.11 9.33 20.45
C PHE C 198 -31.76 8.32 19.50
N PHE C 199 -31.04 7.26 19.10
CA PHE C 199 -31.64 6.27 18.21
C PHE C 199 -32.90 5.70 18.85
N VAL C 200 -32.75 5.25 20.09
CA VAL C 200 -33.89 4.77 20.83
C VAL C 200 -35.01 5.77 21.13
N ASP C 201 -34.72 7.02 21.49
CA ASP C 201 -35.74 8.02 21.66
C ASP C 201 -36.53 8.28 20.37
N THR C 202 -35.83 8.34 19.25
CA THR C 202 -36.43 8.59 17.95
C THR C 202 -37.30 7.44 17.51
N LEU C 203 -36.76 6.22 17.52
CA LEU C 203 -37.52 5.06 17.11
C LEU C 203 -38.73 4.87 18.02
N GLN C 204 -38.57 5.06 19.33
CA GLN C 204 -39.68 5.01 20.26
C GLN C 204 -40.73 6.07 19.95
N THR C 205 -40.35 7.31 19.66
CA THR C 205 -41.35 8.33 19.30
C THR C 205 -42.17 7.90 18.10
N LEU C 206 -41.49 7.43 17.05
CA LEU C 206 -42.13 7.07 15.81
C LEU C 206 -43.10 5.90 15.98
N PHE C 207 -42.62 4.80 16.54
CA PHE C 207 -43.43 3.61 16.67
C PHE C 207 -44.52 3.75 17.75
N ASN C 208 -44.27 4.48 18.83
CA ASN C 208 -45.28 4.73 19.84
C ASN C 208 -46.49 5.45 19.27
N ALA C 209 -46.25 6.52 18.51
CA ALA C 209 -47.32 7.25 17.87
C ALA C 209 -48.11 6.35 16.90
N ASN C 210 -47.41 5.58 16.08
CA ASN C 210 -48.06 4.70 15.13
C ASN C 210 -48.90 3.64 15.85
N SER C 211 -48.39 3.08 16.94
CA SER C 211 -49.12 2.06 17.65
C SER C 211 -50.35 2.59 18.35
N VAL C 212 -50.29 3.76 18.99
CA VAL C 212 -51.48 4.30 19.65
C VAL C 212 -52.57 4.58 18.65
N TYR C 213 -52.22 5.13 17.49
CA TYR C 213 -53.20 5.27 16.43
C TYR C 213 -53.81 3.94 16.02
N GLN C 214 -53.00 2.93 15.70
CA GLN C 214 -53.53 1.70 15.16
C GLN C 214 -54.32 0.91 16.20
N THR C 215 -53.93 0.96 17.47
CA THR C 215 -54.71 0.39 18.57
C THR C 215 -56.10 1.02 18.66
N ASP C 216 -56.19 2.33 18.53
CA ASP C 216 -57.49 2.97 18.51
C ASP C 216 -58.24 2.65 17.22
N ALA C 217 -57.57 2.65 16.08
CA ALA C 217 -58.15 2.31 14.80
C ALA C 217 -58.78 0.92 14.82
N SER C 218 -58.14 -0.07 15.44
CA SER C 218 -58.70 -1.40 15.47
C SER C 218 -59.97 -1.47 16.28
N LYS C 219 -60.04 -0.85 17.46
CA LYS C 219 -61.32 -0.84 18.19
C LYS C 219 -62.40 -0.09 17.42
N PHE C 220 -62.09 1.07 16.85
CA PHE C 220 -63.04 1.85 16.06
C PHE C 220 -63.53 1.07 14.84
N HIS C 221 -62.65 0.39 14.10
CA HIS C 221 -63.08 -0.43 12.98
C HIS C 221 -63.81 -1.70 13.43
N LYS C 222 -63.49 -2.31 14.57
CA LYS C 222 -64.30 -3.42 15.09
C LYS C 222 -65.72 -2.96 15.41
N GLN C 223 -65.88 -1.73 15.88
CA GLN C 223 -67.22 -1.15 16.07
C GLN C 223 -67.96 -0.97 14.74
N ILE C 224 -67.28 -0.66 13.64
CA ILE C 224 -67.94 -0.70 12.31
C ILE C 224 -68.25 -2.12 11.84
N VAL C 225 -67.47 -3.13 12.20
CA VAL C 225 -67.87 -4.54 11.98
C VAL C 225 -69.20 -4.86 12.67
N MET C 226 -69.39 -4.41 13.91
CA MET C 226 -70.70 -4.57 14.55
C MET C 226 -71.79 -3.83 13.79
N GLN C 227 -71.47 -2.70 13.15
CA GLN C 227 -72.44 -2.05 12.28
C GLN C 227 -72.77 -2.90 11.05
N LEU C 228 -71.84 -3.69 10.53
CA LEU C 228 -72.14 -4.64 9.45
C LEU C 228 -73.10 -5.72 9.91
N ASP C 229 -72.94 -6.22 11.12
CA ASP C 229 -73.82 -7.25 11.63
C ASP C 229 -75.24 -6.74 11.74
N LYS C 230 -75.47 -5.57 12.37
CA LYS C 230 -76.82 -5.00 12.42
C LYS C 230 -77.36 -4.69 11.03
N LEU C 231 -76.50 -4.32 10.08
CA LEU C 231 -76.92 -4.12 8.69
C LEU C 231 -77.33 -5.43 8.01
N GLY C 232 -76.73 -6.57 8.34
CA GLY C 232 -77.16 -7.87 7.84
C GLY C 232 -78.58 -8.21 8.30
N GLU C 233 -78.86 -7.96 9.56
CA GLU C 233 -80.20 -8.13 10.14
C GLU C 233 -81.22 -7.19 9.45
N SER C 234 -80.84 -5.93 9.33
CA SER C 234 -81.59 -4.90 8.61
C SER C 234 -81.83 -5.23 7.15
N MET C 235 -80.93 -6.01 6.54
CA MET C 235 -80.81 -6.18 5.11
C MET C 235 -82.12 -6.59 4.51
N ASP C 236 -82.74 -7.57 5.14
CA ASP C 236 -83.95 -8.08 4.56
C ASP C 236 -85.11 -7.10 4.64
N TYR C 237 -85.28 -6.37 5.74
CA TYR C 237 -86.47 -5.49 5.82
C TYR C 237 -86.43 -4.29 4.88
N LEU C 238 -85.28 -3.64 4.75
CA LEU C 238 -85.22 -2.28 4.22
C LEU C 238 -85.89 -2.16 2.86
N MET D 1 -99.96 46.98 -2.09
CA MET D 1 -99.50 46.27 -3.30
C MET D 1 -99.87 44.80 -3.32
N ALA D 2 -99.73 44.06 -2.23
CA ALA D 2 -99.85 42.60 -2.24
C ALA D 2 -101.16 42.08 -2.83
N ASP D 3 -102.30 42.72 -2.59
CA ASP D 3 -103.55 42.30 -3.18
C ASP D 3 -103.65 42.60 -4.68
N LEU D 4 -103.20 43.77 -5.12
CA LEU D 4 -103.19 44.11 -6.53
C LEU D 4 -102.29 43.15 -7.30
N PHE D 5 -101.09 42.95 -6.78
CA PHE D 5 -100.21 41.90 -7.19
C PHE D 5 -100.86 40.55 -6.94
N ASN D 6 -101.81 40.43 -6.03
CA ASN D 6 -102.63 39.22 -5.91
C ASN D 6 -103.44 39.01 -7.18
N LYS D 7 -103.72 39.98 -8.03
CA LYS D 7 -104.17 39.65 -9.37
C LYS D 7 -103.15 38.72 -10.02
N HIS D 8 -101.85 38.94 -9.83
CA HIS D 8 -100.83 37.96 -10.23
C HIS D 8 -101.04 36.61 -9.55
N LEU D 9 -101.30 36.58 -8.24
CA LEU D 9 -101.57 35.33 -7.50
C LEU D 9 -102.77 34.56 -8.08
N LYS D 10 -103.90 35.24 -8.27
CA LYS D 10 -105.14 34.68 -8.77
C LYS D 10 -104.96 34.08 -10.14
N LYS D 11 -104.35 34.85 -11.05
CA LYS D 11 -103.98 34.39 -12.38
C LYS D 11 -103.12 33.16 -12.30
N ALA D 12 -102.08 33.21 -11.49
CA ALA D 12 -101.09 32.16 -11.50
C ALA D 12 -101.68 30.83 -11.09
N THR D 13 -102.41 30.74 -9.98
CA THR D 13 -102.73 29.42 -9.47
C THR D 13 -103.78 28.71 -10.30
N ASN D 14 -104.93 29.33 -10.58
CA ASN D 14 -105.95 28.60 -11.33
C ASN D 14 -105.59 28.44 -12.80
N ARG D 15 -105.08 29.48 -13.46
CA ARG D 15 -104.67 29.38 -14.86
C ARG D 15 -103.54 28.39 -15.06
N THR D 16 -102.65 28.21 -14.09
CA THR D 16 -101.66 27.12 -14.15
C THR D 16 -102.31 25.75 -14.33
N LYS D 17 -103.50 25.48 -13.77
CA LYS D 17 -104.20 24.20 -14.00
C LYS D 17 -104.44 23.93 -15.49
N GLU D 18 -104.84 24.95 -16.24
CA GLU D 18 -104.93 24.80 -17.71
C GLU D 18 -103.54 24.55 -18.33
N LYS D 19 -102.50 25.20 -17.83
CA LYS D 19 -101.13 25.02 -18.31
C LYS D 19 -100.64 23.58 -18.18
N LEU D 20 -101.07 22.85 -17.16
CA LEU D 20 -100.71 21.43 -17.01
C LEU D 20 -101.13 20.58 -18.22
N LEU D 21 -102.26 20.90 -18.88
CA LEU D 21 -102.61 20.19 -20.13
C LEU D 21 -101.50 20.31 -21.15
N GLU D 22 -100.99 21.53 -21.35
CA GLU D 22 -99.90 21.76 -22.31
C GLU D 22 -98.60 21.07 -21.89
N GLY D 23 -98.35 20.91 -20.60
CA GLY D 23 -97.10 20.33 -20.11
C GLY D 23 -96.86 18.88 -20.54
N ILE D 24 -97.82 17.97 -20.36
CA ILE D 24 -97.51 16.53 -20.44
C ILE D 24 -97.29 15.78 -21.80
N GLY D 25 -98.22 15.77 -22.78
CA GLY D 25 -98.22 14.81 -23.94
C GLY D 25 -99.57 14.11 -24.32
N LYS D 26 -99.63 13.35 -25.43
CA LYS D 26 -100.89 13.06 -26.20
C LYS D 26 -101.81 11.87 -25.84
N ALA D 27 -101.61 11.12 -24.75
CA ALA D 27 -102.63 10.14 -24.28
C ALA D 27 -102.49 9.82 -22.79
N LYS D 28 -103.59 9.39 -22.17
CA LYS D 28 -103.78 9.40 -20.71
C LYS D 28 -104.27 8.07 -20.10
N ALA D 29 -104.73 7.12 -20.90
CA ALA D 29 -105.15 5.79 -20.46
C ALA D 29 -103.97 4.82 -20.51
N THR D 30 -103.39 4.41 -19.36
CA THR D 30 -102.01 3.85 -19.30
C THR D 30 -101.73 2.85 -18.14
N GLN D 31 -100.56 2.17 -18.15
CA GLN D 31 -100.11 1.21 -17.11
C GLN D 31 -99.66 1.82 -15.77
N ASP D 32 -99.77 3.14 -15.65
CA ASP D 32 -99.17 3.95 -14.59
C ASP D 32 -99.56 3.50 -13.20
N GLU D 33 -100.84 3.26 -12.97
CA GLU D 33 -101.44 3.02 -11.65
C GLU D 33 -100.72 1.93 -10.86
N VAL D 34 -100.69 0.71 -11.37
CA VAL D 34 -100.05 -0.40 -10.67
C VAL D 34 -98.55 -0.43 -10.95
N PHE D 35 -98.14 -0.36 -12.21
CA PHE D 35 -96.79 -0.73 -12.58
C PHE D 35 -95.82 0.40 -12.80
N ASP D 36 -96.21 1.67 -12.94
CA ASP D 36 -95.18 2.72 -12.87
C ASP D 36 -94.60 2.82 -11.46
N GLN D 37 -95.40 2.57 -10.43
CA GLN D 37 -94.89 2.51 -9.07
C GLN D 37 -93.89 1.38 -8.93
N HIS D 38 -94.18 0.20 -9.46
CA HIS D 38 -93.20 -0.88 -9.52
C HIS D 38 -91.99 -0.53 -10.38
N ALA D 39 -92.18 0.23 -11.45
CA ALA D 39 -91.11 0.67 -12.33
C ALA D 39 -90.17 1.63 -11.64
N ALA D 40 -90.70 2.65 -10.99
CA ALA D 40 -89.92 3.57 -10.20
C ALA D 40 -89.18 2.80 -9.10
N ASN D 41 -89.83 1.87 -8.41
CA ASN D 41 -89.20 1.04 -7.39
C ASN D 41 -87.98 0.26 -7.92
N LEU D 42 -88.14 -0.46 -9.03
CA LEU D 42 -87.03 -1.17 -9.65
C LEU D 42 -85.95 -0.25 -10.24
N ASN D 43 -86.30 0.93 -10.71
CA ASN D 43 -85.30 1.94 -11.05
C ASN D 43 -84.56 2.50 -9.82
N LYS D 44 -85.20 2.69 -8.67
CA LYS D 44 -84.56 3.14 -7.42
C LYS D 44 -83.47 2.19 -6.93
N GLN D 45 -83.65 0.91 -7.21
CA GLN D 45 -82.56 -0.07 -7.13
C GLN D 45 -81.37 0.29 -8.00
N SER D 46 -81.55 0.59 -9.28
CA SER D 46 -80.41 0.95 -10.15
C SER D 46 -79.68 2.25 -9.76
N LYS D 47 -80.42 3.27 -9.34
CA LYS D 47 -79.86 4.63 -9.26
C LYS D 47 -78.83 4.83 -8.15
N SER D 48 -79.00 4.15 -7.03
CA SER D 48 -77.90 4.08 -6.06
C SER D 48 -76.70 3.25 -6.52
N CYS D 49 -76.92 2.19 -7.31
CA CYS D 49 -75.84 1.31 -7.75
C CYS D 49 -74.73 2.05 -8.48
N GLU D 50 -75.07 2.86 -9.47
CA GLU D 50 -74.04 3.52 -10.27
C GLU D 50 -73.13 4.41 -9.44
N LYS D 51 -73.69 5.16 -8.48
CA LYS D 51 -72.85 5.93 -7.55
C LYS D 51 -71.95 5.02 -6.73
N LEU D 52 -72.53 3.96 -6.15
CA LEU D 52 -71.78 3.04 -5.31
C LEU D 52 -70.62 2.43 -6.08
N HIS D 53 -70.84 2.00 -7.32
CA HIS D 53 -69.80 1.45 -8.17
C HIS D 53 -68.68 2.44 -8.44
N LYS D 54 -69.00 3.69 -8.80
CA LYS D 54 -67.96 4.70 -9.05
C LYS D 54 -67.07 4.85 -7.82
N ASP D 55 -67.66 5.01 -6.66
CA ASP D 55 -66.91 5.22 -5.43
C ASP D 55 -66.13 3.98 -5.01
N VAL D 56 -66.74 2.81 -5.14
CA VAL D 56 -66.11 1.54 -4.81
C VAL D 56 -64.93 1.27 -5.71
N LYS D 57 -64.99 1.58 -7.00
CA LYS D 57 -63.87 1.37 -7.91
C LYS D 57 -62.74 2.35 -7.62
N ASN D 58 -63.03 3.64 -7.50
CA ASN D 58 -62.02 4.63 -7.16
C ASN D 58 -61.34 4.31 -5.85
N TYR D 59 -62.10 4.03 -4.80
CA TYR D 59 -61.52 3.69 -3.51
C TYR D 59 -60.84 2.32 -3.52
N SER D 60 -61.29 1.35 -4.31
CA SER D 60 -60.55 0.09 -4.46
C SER D 60 -59.16 0.32 -5.04
N SER D 61 -59.00 1.25 -5.98
CA SER D 61 -57.67 1.66 -6.44
C SER D 61 -56.89 2.33 -5.31
N ALA D 62 -57.54 3.20 -4.53
CA ALA D 62 -56.94 3.81 -3.35
C ALA D 62 -56.46 2.76 -2.35
N LEU D 63 -57.23 1.72 -2.11
CA LEU D 63 -56.85 0.62 -1.23
C LEU D 63 -55.69 -0.18 -1.80
N ARG D 64 -55.66 -0.44 -3.09
CA ARG D 64 -54.57 -1.18 -3.71
C ARG D 64 -53.25 -0.44 -3.54
N THR D 65 -53.24 0.87 -3.77
CA THR D 65 -52.03 1.67 -3.50
C THR D 65 -51.72 1.72 -2.01
N LEU D 66 -52.71 1.88 -1.14
CA LEU D 66 -52.53 1.91 0.31
C LEU D 66 -51.85 0.64 0.83
N LEU D 67 -52.29 -0.53 0.40
CA LEU D 67 -51.68 -1.80 0.77
C LEU D 67 -50.28 -1.95 0.20
N SER D 68 -50.05 -1.49 -1.02
CA SER D 68 -48.70 -1.46 -1.59
C SER D 68 -47.77 -0.58 -0.76
N ALA D 69 -48.20 0.60 -0.34
CA ALA D 69 -47.43 1.47 0.54
C ALA D 69 -47.14 0.81 1.89
N GLU D 70 -48.08 0.07 2.45
CA GLU D 70 -47.85 -0.71 3.66
C GLU D 70 -46.85 -1.85 3.45
N LYS D 71 -46.80 -2.46 2.27
CA LYS D 71 -45.76 -3.44 1.91
C LYS D 71 -44.39 -2.77 1.82
N GLN D 72 -44.31 -1.59 1.21
CA GLN D 72 -43.07 -0.83 1.16
C GLN D 72 -42.57 -0.47 2.56
N LEU D 73 -43.49 -0.05 3.43
CA LEU D 73 -43.18 0.27 4.82
C LEU D 73 -42.48 -0.90 5.49
N ARG D 74 -43.06 -2.08 5.35
CA ARG D 74 -42.51 -3.29 5.96
C ARG D 74 -41.17 -3.67 5.40
N ASP D 75 -41.02 -3.67 4.08
CA ASP D 75 -39.73 -4.03 3.51
C ASP D 75 -38.64 -3.03 3.91
N THR D 76 -39.01 -1.77 4.01
CA THR D 76 -38.10 -0.71 4.38
C THR D 76 -37.67 -0.84 5.82
N ILE D 77 -38.57 -1.18 6.74
CA ILE D 77 -38.15 -1.39 8.12
C ILE D 77 -37.28 -2.64 8.24
N ARG D 78 -37.59 -3.73 7.53
CA ARG D 78 -36.79 -4.96 7.52
C ARG D 78 -35.35 -4.67 7.08
N ASP D 79 -35.24 -3.98 5.95
CA ASP D 79 -33.97 -3.60 5.34
C ASP D 79 -33.21 -2.56 6.15
N ALA D 80 -33.90 -1.63 6.79
CA ALA D 80 -33.26 -0.62 7.61
C ALA D 80 -32.75 -1.20 8.92
N TYR D 81 -33.49 -2.15 9.47
CA TYR D 81 -33.01 -2.96 10.57
C TYR D 81 -31.73 -3.63 10.13
N GLU D 82 -30.85 -3.84 11.08
CA GLU D 82 -29.49 -4.34 10.89
C GLU D 82 -29.07 -5.20 12.08
N PRO D 83 -28.17 -6.18 11.90
CA PRO D 83 -28.10 -7.35 12.78
C PRO D 83 -27.43 -7.11 14.12
N GLU D 84 -26.86 -5.93 14.33
CA GLU D 84 -26.34 -5.49 15.62
C GLU D 84 -27.41 -5.47 16.70
N TRP D 85 -28.69 -5.31 16.32
CA TRP D 85 -29.80 -5.04 17.25
C TRP D 85 -30.63 -6.29 17.60
N PRO D 86 -31.31 -6.34 18.75
CA PRO D 86 -31.63 -7.62 19.40
C PRO D 86 -32.56 -8.64 18.72
N ASP D 87 -33.56 -8.25 17.94
CA ASP D 87 -34.74 -9.09 17.68
C ASP D 87 -35.16 -9.25 16.21
N ARG D 88 -34.31 -8.86 15.25
CA ARG D 88 -34.69 -8.60 13.85
C ARG D 88 -35.59 -9.67 13.29
N GLU D 89 -35.30 -10.93 13.59
CA GLU D 89 -36.10 -12.02 13.11
C GLU D 89 -37.53 -11.96 13.63
N HIS D 90 -37.78 -11.53 14.88
CA HIS D 90 -39.18 -11.65 15.30
C HIS D 90 -40.09 -10.65 14.60
N LEU D 91 -39.66 -9.39 14.60
CA LEU D 91 -40.35 -8.33 13.90
C LEU D 91 -40.36 -8.53 12.38
N THR D 92 -39.33 -9.14 11.81
CA THR D 92 -39.35 -9.52 10.41
C THR D 92 -40.51 -10.48 10.13
N ALA D 93 -40.69 -11.51 10.95
CA ALA D 93 -41.84 -12.40 10.80
C ALA D 93 -43.17 -11.67 11.00
N ILE D 94 -43.25 -10.70 11.91
CA ILE D 94 -44.45 -9.87 12.06
C ILE D 94 -44.77 -9.15 10.77
N PHE D 95 -43.77 -8.52 10.15
CA PHE D 95 -43.97 -7.84 8.88
C PHE D 95 -44.41 -8.82 7.80
N ASP D 96 -43.80 -9.99 7.70
CA ASP D 96 -44.22 -11.00 6.74
C ASP D 96 -45.68 -11.43 6.96
N ASN D 97 -46.12 -11.55 8.19
CA ASN D 97 -47.51 -11.86 8.46
C ASN D 97 -48.42 -10.72 8.04
N LEU D 98 -48.03 -9.48 8.29
CA LEU D 98 -48.81 -8.33 7.86
C LEU D 98 -48.80 -8.17 6.34
N ASP D 99 -47.73 -8.56 5.64
CA ASP D 99 -47.73 -8.72 4.19
C ASP D 99 -48.80 -9.72 3.75
N ILE D 100 -48.86 -10.91 4.35
CA ILE D 100 -49.89 -11.90 4.04
C ILE D 100 -51.27 -11.28 4.25
N GLN D 101 -51.50 -10.61 5.37
CA GLN D 101 -52.77 -9.97 5.63
C GLN D 101 -53.08 -8.86 4.63
N THR D 102 -52.11 -8.04 4.22
CA THR D 102 -52.38 -7.07 3.17
C THR D 102 -52.77 -7.76 1.89
N ASN D 103 -52.12 -8.86 1.51
CA ASN D 103 -52.44 -9.55 0.28
C ASN D 103 -53.84 -10.14 0.32
N GLU D 104 -54.29 -10.64 1.47
CA GLU D 104 -55.66 -11.10 1.64
C GLU D 104 -56.66 -9.97 1.42
N LEU D 105 -56.43 -8.83 2.06
CA LEU D 105 -57.31 -7.68 1.93
C LEU D 105 -57.32 -7.16 0.49
N GLU D 106 -56.15 -7.08 -0.14
CA GLU D 106 -56.02 -6.64 -1.51
C GLU D 106 -56.81 -7.53 -2.44
N LYS D 107 -56.65 -8.84 -2.34
CA LYS D 107 -57.42 -9.79 -3.13
C LYS D 107 -58.90 -9.60 -2.92
N THR D 108 -59.31 -9.55 -1.66
CA THR D 108 -60.72 -9.60 -1.34
C THR D 108 -61.44 -8.32 -1.73
N VAL D 109 -60.93 -7.17 -1.33
CA VAL D 109 -61.55 -5.92 -1.73
C VAL D 109 -61.27 -5.54 -3.16
N CYS D 110 -60.01 -5.52 -3.56
CA CYS D 110 -59.73 -4.87 -4.81
C CYS D 110 -60.16 -5.73 -5.97
N ASP D 111 -59.78 -6.99 -5.95
CA ASP D 111 -60.18 -7.91 -6.99
C ASP D 111 -61.60 -8.48 -6.83
N ASP D 112 -61.90 -9.11 -5.68
CA ASP D 112 -63.14 -9.87 -5.52
C ASP D 112 -64.45 -9.11 -5.27
N LEU D 113 -64.41 -7.95 -4.62
CA LEU D 113 -65.60 -7.22 -4.19
C LEU D 113 -66.67 -6.97 -5.27
N PRO D 114 -66.33 -6.62 -6.52
CA PRO D 114 -67.34 -6.19 -7.49
C PRO D 114 -68.34 -7.29 -7.79
N GLN D 115 -67.87 -8.53 -7.84
CA GLN D 115 -68.74 -9.68 -8.03
C GLN D 115 -69.80 -9.74 -6.95
N THR D 116 -69.52 -9.29 -5.72
CA THR D 116 -70.52 -9.30 -4.68
C THR D 116 -71.70 -8.36 -4.98
N VAL D 117 -71.53 -7.34 -5.82
CA VAL D 117 -72.67 -6.59 -6.35
C VAL D 117 -73.44 -7.47 -7.33
N THR D 118 -72.72 -8.00 -8.32
CA THR D 118 -73.28 -8.88 -9.35
C THR D 118 -74.02 -10.07 -8.75
N GLN D 119 -73.58 -10.57 -7.59
CA GLN D 119 -74.07 -11.75 -6.89
C GLN D 119 -75.59 -11.83 -6.79
N TYR D 120 -76.24 -10.66 -6.75
CA TYR D 120 -77.69 -10.59 -6.86
C TYR D 120 -78.17 -9.62 -7.93
N VAL D 121 -77.33 -8.72 -8.46
CA VAL D 121 -77.68 -7.87 -9.61
C VAL D 121 -77.91 -8.65 -10.91
N ASN D 122 -77.41 -9.88 -11.02
CA ASN D 122 -77.59 -10.84 -12.06
C ASN D 122 -78.94 -10.73 -12.70
N GLN D 123 -79.99 -10.73 -11.88
CA GLN D 123 -81.36 -10.84 -12.32
C GLN D 123 -82.01 -9.50 -12.67
N PHE D 124 -81.50 -8.36 -12.18
CA PHE D 124 -82.24 -7.11 -12.28
C PHE D 124 -82.46 -6.62 -13.70
N PRO D 125 -81.55 -6.81 -14.67
CA PRO D 125 -81.82 -6.35 -16.03
C PRO D 125 -83.11 -6.84 -16.65
N ASP D 126 -83.21 -8.15 -16.77
CA ASP D 126 -84.37 -8.82 -17.32
C ASP D 126 -85.62 -8.36 -16.60
N LEU D 127 -85.56 -8.21 -15.29
CA LEU D 127 -86.68 -7.73 -14.51
C LEU D 127 -87.03 -6.27 -14.77
N LYS D 128 -86.04 -5.39 -14.95
CA LYS D 128 -86.26 -4.01 -15.38
C LYS D 128 -86.95 -4.00 -16.73
N LYS D 129 -86.47 -4.79 -17.69
CA LYS D 129 -87.07 -5.01 -18.95
C LYS D 129 -88.48 -5.50 -18.79
N LYS D 130 -88.71 -6.44 -17.88
CA LYS D 130 -90.03 -7.00 -17.66
C LYS D 130 -91.04 -5.99 -17.12
N ILE D 131 -90.67 -4.92 -16.43
CA ILE D 131 -91.69 -3.91 -16.07
C ILE D 131 -92.39 -3.40 -17.34
N GLU D 132 -91.61 -3.22 -18.40
CA GLU D 132 -92.08 -2.81 -19.71
C GLU D 132 -92.92 -3.91 -20.35
N LYS D 133 -92.49 -5.18 -20.25
CA LYS D 133 -93.22 -6.37 -20.70
C LYS D 133 -94.65 -6.37 -20.16
N ARG D 134 -94.82 -6.14 -18.87
CA ARG D 134 -96.15 -6.00 -18.26
C ARG D 134 -96.89 -4.84 -18.85
N GLY D 135 -96.24 -3.69 -18.96
CA GLY D 135 -96.81 -2.47 -19.50
C GLY D 135 -97.36 -2.63 -20.91
N ARG D 136 -96.64 -3.31 -21.81
CA ARG D 136 -97.07 -3.49 -23.21
C ARG D 136 -98.51 -3.94 -23.29
N LYS D 137 -98.87 -5.00 -22.57
CA LYS D 137 -100.23 -5.52 -22.58
C LYS D 137 -101.13 -4.95 -21.50
N LEU D 138 -100.65 -4.21 -20.51
CA LEU D 138 -101.56 -3.37 -19.71
C LEU D 138 -102.18 -2.30 -20.62
N VAL D 139 -101.38 -1.70 -21.50
CA VAL D 139 -101.89 -0.80 -22.53
C VAL D 139 -102.76 -1.55 -23.54
N ASP D 140 -102.26 -2.58 -24.23
CA ASP D 140 -103.03 -3.16 -25.32
C ASP D 140 -104.33 -3.83 -24.87
N TYR D 141 -104.41 -4.31 -23.63
CA TYR D 141 -105.64 -4.84 -23.07
C TYR D 141 -106.76 -3.82 -23.10
N ASP D 142 -106.53 -2.64 -22.53
CA ASP D 142 -107.55 -1.60 -22.51
C ASP D 142 -107.91 -1.20 -23.94
N SER D 143 -106.90 -1.03 -24.79
CA SER D 143 -107.09 -0.68 -26.18
C SER D 143 -107.96 -1.71 -26.91
N ALA D 144 -107.72 -3.00 -26.70
CA ALA D 144 -108.54 -4.03 -27.30
C ALA D 144 -109.94 -4.11 -26.68
N LYS D 145 -110.05 -3.93 -25.37
CA LYS D 145 -111.32 -4.00 -24.64
C LYS D 145 -112.29 -2.96 -25.16
N ASN D 146 -111.84 -1.72 -25.13
CA ASN D 146 -112.54 -0.56 -25.66
C ASN D 146 -112.82 -0.74 -27.15
N SER D 147 -111.86 -1.24 -27.92
CA SER D 147 -112.02 -1.49 -29.35
C SER D 147 -113.16 -2.45 -29.63
N PHE D 148 -113.28 -3.53 -28.86
CA PHE D 148 -114.40 -4.45 -29.02
C PHE D 148 -115.72 -3.72 -28.80
N ASN D 149 -115.85 -3.00 -27.70
CA ASN D 149 -117.03 -2.20 -27.42
C ASN D 149 -117.29 -1.17 -28.52
N SER D 150 -116.25 -0.50 -29.01
CA SER D 150 -116.27 0.43 -30.07
C SER D 150 -116.93 -0.15 -31.28
N VAL D 151 -116.42 -1.29 -31.74
CA VAL D 151 -116.97 -1.95 -32.93
C VAL D 151 -118.43 -2.28 -32.69
N LYS D 152 -118.74 -2.89 -31.55
CA LYS D 152 -120.11 -3.27 -31.19
C LYS D 152 -121.03 -2.06 -31.05
N ALA D 153 -120.49 -0.86 -30.96
CA ALA D 153 -121.14 0.39 -30.89
C ALA D 153 -121.26 1.07 -32.22
N SER D 154 -120.33 0.83 -33.13
CA SER D 154 -120.22 1.58 -34.39
C SER D 154 -120.90 0.85 -35.52
N SER D 155 -120.81 -0.46 -35.55
CA SER D 155 -121.38 -1.24 -36.63
C SER D 155 -122.88 -1.46 -36.46
N LYS D 156 -123.61 -1.34 -37.57
CA LYS D 156 -125.03 -1.70 -37.68
C LYS D 156 -125.35 -3.16 -37.33
N LYS D 157 -124.36 -4.05 -37.38
CA LYS D 157 -124.46 -5.50 -37.07
C LYS D 157 -123.18 -6.01 -36.38
N ASP D 158 -123.19 -7.14 -35.67
CA ASP D 158 -121.93 -7.75 -35.18
C ASP D 158 -120.95 -8.14 -36.30
N ASN D 159 -121.57 -8.53 -37.43
CA ASN D 159 -120.94 -9.34 -38.47
C ASN D 159 -119.62 -8.72 -38.91
N ASP D 160 -119.58 -7.40 -38.86
CA ASP D 160 -118.40 -6.55 -38.97
C ASP D 160 -117.16 -7.23 -38.36
N PRO D 161 -116.36 -7.93 -39.19
CA PRO D 161 -115.27 -8.78 -38.75
C PRO D 161 -114.39 -8.05 -37.75
N LYS D 162 -114.42 -6.72 -37.75
CA LYS D 162 -113.70 -5.91 -36.77
C LYS D 162 -114.09 -6.34 -35.37
N LEU D 163 -115.32 -6.83 -35.14
CA LEU D 163 -115.69 -7.22 -33.79
C LEU D 163 -114.91 -8.47 -33.43
N ALA D 164 -114.79 -9.40 -34.37
CA ALA D 164 -113.97 -10.59 -34.15
C ALA D 164 -112.52 -10.20 -33.87
N LYS D 165 -111.92 -9.34 -34.69
CA LYS D 165 -110.53 -8.91 -34.53
C LYS D 165 -110.30 -8.29 -33.16
N ALA D 166 -111.17 -7.37 -32.73
CA ALA D 166 -111.05 -6.78 -31.41
C ALA D 166 -111.23 -7.78 -30.27
N THR D 167 -112.03 -8.81 -30.45
CA THR D 167 -112.16 -9.89 -29.48
C THR D 167 -110.86 -10.67 -29.36
N MET D 168 -110.23 -10.99 -30.49
CA MET D 168 -108.97 -11.71 -30.52
C MET D 168 -107.87 -10.89 -29.85
N GLU D 169 -107.79 -9.60 -30.13
CA GLU D 169 -106.86 -8.71 -29.45
C GLU D 169 -107.13 -8.67 -27.95
N LEU D 170 -108.38 -8.62 -27.53
CA LEU D 170 -108.74 -8.54 -26.13
C LEU D 170 -108.31 -9.80 -25.41
N GLN D 171 -108.62 -10.97 -25.95
CA GLN D 171 -108.25 -12.23 -25.35
C GLN D 171 -106.73 -12.33 -25.22
N ALA D 172 -106.01 -12.09 -26.30
CA ALA D 172 -104.57 -12.22 -26.31
C ALA D 172 -103.93 -11.24 -25.32
N ALA D 173 -104.32 -9.98 -25.38
CA ALA D 173 -103.80 -8.99 -24.44
C ALA D 173 -104.16 -9.32 -23.01
N GLU D 174 -105.36 -9.81 -22.70
CA GLU D 174 -105.73 -10.18 -21.34
C GLU D 174 -104.92 -11.39 -20.85
N GLN D 175 -104.63 -12.35 -21.72
CA GLN D 175 -103.83 -13.50 -21.35
C GLN D 175 -102.41 -13.07 -20.98
N MET D 176 -101.78 -12.28 -21.84
CA MET D 176 -100.46 -11.73 -21.52
C MET D 176 -100.52 -10.83 -20.29
N TYR D 177 -101.53 -9.98 -20.18
CA TYR D 177 -101.72 -9.05 -19.08
C TYR D 177 -101.75 -9.79 -17.76
N THR D 178 -102.50 -10.88 -17.69
CA THR D 178 -102.69 -11.61 -16.45
C THR D 178 -101.45 -12.40 -16.10
N GLU D 179 -100.83 -13.06 -17.07
CA GLU D 179 -99.59 -13.79 -16.84
C GLU D 179 -98.49 -12.85 -16.31
N MET D 180 -98.32 -11.73 -16.99
CA MET D 180 -97.38 -10.71 -16.63
C MET D 180 -97.73 -10.03 -15.32
N ASN D 181 -99.01 -9.87 -14.98
CA ASN D 181 -99.40 -9.45 -13.64
C ASN D 181 -98.86 -10.41 -12.60
N ASN D 182 -99.08 -11.72 -12.76
CA ASN D 182 -98.75 -12.68 -11.74
C ASN D 182 -97.26 -12.71 -11.47
N GLU D 183 -96.48 -12.83 -12.54
CA GLU D 183 -95.03 -12.86 -12.46
C GLU D 183 -94.48 -11.56 -11.89
N LEU D 184 -94.90 -10.45 -12.49
CA LEU D 184 -94.27 -9.17 -12.28
C LEU D 184 -94.68 -8.43 -11.03
N LEU D 185 -95.91 -8.62 -10.59
CA LEU D 185 -96.39 -8.04 -9.35
C LEU D 185 -95.58 -8.55 -8.18
N GLU D 186 -95.31 -9.86 -8.12
CA GLU D 186 -94.40 -10.33 -7.08
C GLU D 186 -92.96 -9.93 -7.37
N ILE D 187 -92.45 -10.21 -8.56
CA ILE D 187 -91.02 -10.20 -8.72
C ILE D 187 -90.48 -8.79 -8.66
N LEU D 188 -91.06 -7.86 -9.39
CA LEU D 188 -90.42 -6.57 -9.57
C LEU D 188 -90.36 -5.76 -8.27
N PRO D 189 -91.44 -5.68 -7.47
CA PRO D 189 -91.35 -5.04 -6.17
C PRO D 189 -90.50 -5.83 -5.19
N ALA D 190 -90.54 -7.17 -5.23
CA ALA D 190 -89.66 -7.96 -4.39
C ALA D 190 -88.20 -7.67 -4.72
N VAL D 191 -87.90 -7.43 -5.98
CA VAL D 191 -86.55 -7.15 -6.43
C VAL D 191 -86.09 -5.78 -6.00
N PHE D 192 -86.94 -4.76 -5.99
CA PHE D 192 -86.65 -3.48 -5.34
C PHE D 192 -86.29 -3.65 -3.86
N ASP D 193 -87.11 -4.37 -3.12
CA ASP D 193 -86.88 -4.55 -1.69
C ASP D 193 -85.59 -5.37 -1.45
N SER D 194 -85.41 -6.43 -2.20
CA SER D 194 -84.16 -7.15 -2.30
C SER D 194 -82.98 -6.32 -2.86
N ARG D 195 -83.15 -5.09 -3.41
CA ARG D 195 -81.97 -4.26 -3.75
C ARG D 195 -81.02 -4.14 -2.57
N ILE D 196 -81.58 -4.07 -1.37
CA ILE D 196 -80.74 -4.04 -0.18
C ILE D 196 -79.87 -5.29 -0.10
N THR D 197 -80.33 -6.43 -0.61
CA THR D 197 -79.49 -7.65 -0.59
C THR D 197 -78.12 -7.44 -1.23
N PHE D 198 -78.04 -6.93 -2.46
CA PHE D 198 -76.70 -6.78 -3.06
C PHE D 198 -75.91 -5.64 -2.43
N PHE D 199 -76.57 -4.56 -2.00
CA PHE D 199 -75.86 -3.51 -1.27
C PHE D 199 -75.18 -4.12 -0.05
N VAL D 200 -75.96 -4.83 0.75
CA VAL D 200 -75.43 -5.42 1.96
C VAL D 200 -74.34 -6.47 1.76
N ASP D 201 -74.44 -7.33 0.74
CA ASP D 201 -73.39 -8.26 0.41
C ASP D 201 -72.09 -7.52 0.09
N THR D 202 -72.19 -6.46 -0.70
CA THR D 202 -71.02 -5.75 -1.17
C THR D 202 -70.37 -5.00 -0.04
N LEU D 203 -71.13 -4.21 0.72
CA LEU D 203 -70.60 -3.47 1.84
C LEU D 203 -70.04 -4.40 2.89
N GLN D 204 -70.70 -5.52 3.18
CA GLN D 204 -70.17 -6.50 4.10
C GLN D 204 -68.85 -7.06 3.61
N THR D 205 -68.74 -7.45 2.34
CA THR D 205 -67.48 -7.94 1.79
C THR D 205 -66.36 -6.94 1.99
N LEU D 206 -66.62 -5.69 1.63
CA LEU D 206 -65.62 -4.63 1.69
C LEU D 206 -65.13 -4.40 3.10
N PHE D 207 -66.05 -4.20 4.02
CA PHE D 207 -65.69 -3.89 5.40
C PHE D 207 -65.15 -5.09 6.15
N ASN D 208 -65.64 -6.29 5.86
CA ASN D 208 -65.15 -7.51 6.50
C ASN D 208 -63.70 -7.75 6.18
N ALA D 209 -63.31 -7.59 4.92
CA ALA D 209 -61.92 -7.72 4.53
C ALA D 209 -61.07 -6.66 5.24
N ASN D 210 -61.52 -5.41 5.22
CA ASN D 210 -60.78 -4.34 5.86
C ASN D 210 -60.57 -4.60 7.35
N SER D 211 -61.63 -4.99 8.05
CA SER D 211 -61.58 -5.23 9.47
C SER D 211 -60.73 -6.43 9.83
N VAL D 212 -60.76 -7.53 9.07
CA VAL D 212 -59.87 -8.64 9.38
C VAL D 212 -58.42 -8.21 9.26
N TYR D 213 -58.07 -7.45 8.23
CA TYR D 213 -56.70 -6.95 8.11
C TYR D 213 -56.31 -6.08 9.28
N GLN D 214 -57.11 -5.08 9.63
CA GLN D 214 -56.73 -4.16 10.68
C GLN D 214 -56.72 -4.82 12.05
N THR D 215 -57.56 -5.83 12.27
CA THR D 215 -57.52 -6.62 13.50
C THR D 215 -56.19 -7.35 13.64
N ASP D 216 -55.70 -7.94 12.56
CA ASP D 216 -54.37 -8.53 12.59
C ASP D 216 -53.28 -7.47 12.71
N ALA D 217 -53.42 -6.35 12.01
CA ALA D 217 -52.47 -5.27 12.06
C ALA D 217 -52.29 -4.73 13.48
N SER D 218 -53.35 -4.61 14.26
CA SER D 218 -53.23 -4.08 15.61
C SER D 218 -52.45 -5.02 16.51
N LYS D 219 -52.69 -6.33 16.47
CA LYS D 219 -51.86 -7.25 17.26
C LYS D 219 -50.40 -7.26 16.80
N PHE D 220 -50.17 -7.24 15.49
CA PHE D 220 -48.82 -7.17 14.95
C PHE D 220 -48.10 -5.90 15.37
N HIS D 221 -48.77 -4.75 15.33
CA HIS D 221 -48.15 -3.51 15.75
C HIS D 221 -47.98 -3.44 17.28
N LYS D 222 -48.89 -3.99 18.09
CA LYS D 222 -48.69 -4.10 19.54
C LYS D 222 -47.50 -5.00 19.88
N GLN D 223 -47.28 -6.07 19.14
CA GLN D 223 -46.07 -6.88 19.28
C GLN D 223 -44.82 -6.04 18.97
N ILE D 224 -44.79 -5.25 17.91
CA ILE D 224 -43.64 -4.34 17.72
C ILE D 224 -43.55 -3.28 18.84
N VAL D 225 -44.63 -2.84 19.47
CA VAL D 225 -44.53 -2.00 20.69
C VAL D 225 -43.74 -2.72 21.77
N MET D 226 -43.98 -4.00 22.02
CA MET D 226 -43.17 -4.74 22.99
C MET D 226 -41.69 -4.74 22.60
N GLN D 227 -41.41 -4.75 21.29
CA GLN D 227 -40.06 -4.58 20.77
C GLN D 227 -39.47 -3.21 21.14
N LEU D 228 -40.26 -2.14 21.23
CA LEU D 228 -39.80 -0.85 21.72
C LEU D 228 -39.42 -0.91 23.19
N ASP D 229 -40.19 -1.62 23.99
CA ASP D 229 -39.95 -1.69 25.43
C ASP D 229 -38.60 -2.38 25.70
N LYS D 230 -38.38 -3.54 25.09
CA LYS D 230 -37.09 -4.19 25.20
C LYS D 230 -35.95 -3.38 24.60
N LEU D 231 -36.21 -2.58 23.57
CA LEU D 231 -35.20 -1.67 23.02
C LEU D 231 -34.84 -0.53 23.98
N GLY D 232 -35.76 -0.04 24.80
CA GLY D 232 -35.44 0.88 25.88
C GLY D 232 -34.43 0.30 26.87
N GLU D 233 -34.65 -0.94 27.28
CA GLU D 233 -33.76 -1.64 28.20
C GLU D 233 -32.37 -1.83 27.56
N SER D 234 -32.38 -2.26 26.31
CA SER D 234 -31.20 -2.36 25.45
C SER D 234 -30.45 -1.04 25.29
N MET D 235 -31.14 0.08 25.43
CA MET D 235 -30.65 1.39 25.04
C MET D 235 -29.31 1.70 25.67
N ASP D 236 -29.16 1.46 26.96
CA ASP D 236 -27.84 1.73 27.54
C ASP D 236 -26.77 0.78 27.03
N TYR D 237 -27.00 -0.54 27.03
CA TYR D 237 -25.84 -1.40 26.82
C TYR D 237 -25.17 -1.24 25.46
N LEU D 238 -25.95 -1.14 24.38
CA LEU D 238 -25.40 -1.27 23.04
C LEU D 238 -24.26 -0.29 22.79
#